data_5BJW
#
_entry.id   5BJW
#
_cell.length_a   59.168
_cell.length_b   69.237
_cell.length_c   101.544
_cell.angle_alpha   90.00
_cell.angle_beta   100.41
_cell.angle_gamma   90.00
#
_symmetry.space_group_name_H-M   'P 1 21 1'
#
loop_
_entity.id
_entity.type
_entity.pdbx_description
1 polymer 'WlaL protein'
2 non-polymer "URIDINE-5'-DIPHOSPHATE"
3 non-polymer NICOTINAMIDE-ADENINE-DINUCLEOTIDE
4 non-polymer 1,2-ETHANEDIOL
5 non-polymer 'SODIUM ION'
6 water water
#
_entity_poly.entity_id   1
_entity_poly.type   'polypeptide(L)'
_entity_poly.pdbx_seq_one_letter_code
;ARDISIEDLLARKPKDLDDSAVAAFLKDKVVLVSGAGGTIGSELCKQCIKFGAKHLIMVDHSEYNLYKINDDLNLYKEKI
TPILLSILDKQSLDEVLKTYKPELILHAAAYKHVPLCEQNPHSAVINNILGTKILCDSAKENKVAKFVMISSDKAVRPTN
IMGCTKRVCELYTLSMSDENFEVACVRFGNVLGSSGSVIPKFKAQIANNEPLTLTHPDIVRYFMLVAEAVQLVLQAGAIA
KGGELFVLDMGKPVKIIDLAKKMLLLSNRNDLEIKITGLRKGEKLYEELLIDENDAKTQYESIFVAKNEKVDLDWLNKEI
ENLQICEDISEALLKIVPEFKHNKEGIAAGFNRIPAAALEHHHHHH
;
_entity_poly.pdbx_strand_id   A,B
#
loop_
_chem_comp.id
_chem_comp.type
_chem_comp.name
_chem_comp.formula
EDO non-polymer 1,2-ETHANEDIOL 'C2 H6 O2'
NA non-polymer 'SODIUM ION' 'Na 1'
NAD non-polymer NICOTINAMIDE-ADENINE-DINUCLEOTIDE 'C21 H27 N7 O14 P2'
UDP RNA linking URIDINE-5'-DIPHOSPHATE 'C9 H14 N2 O12 P2'
#
# COMPACT_ATOMS: atom_id res chain seq x y z
N SER A 5 14.94 3.48 -24.79
CA SER A 5 14.63 2.40 -23.81
C SER A 5 13.67 1.40 -24.43
N ILE A 6 13.53 0.23 -23.82
CA ILE A 6 12.54 -0.73 -24.31
C ILE A 6 11.13 -0.16 -24.17
N GLU A 7 10.90 0.77 -23.25
CA GLU A 7 9.61 1.40 -23.15
C GLU A 7 9.26 2.11 -24.43
N ASP A 8 10.21 2.90 -24.93
CA ASP A 8 10.02 3.61 -26.18
C ASP A 8 9.76 2.67 -27.33
N LEU A 9 10.49 1.55 -27.35
CA LEU A 9 10.37 0.58 -28.43
C LEU A 9 9.05 -0.16 -28.45
N LEU A 10 8.41 -0.27 -27.28
CA LEU A 10 7.18 -1.05 -27.14
C LEU A 10 5.94 -0.18 -26.95
N ALA A 11 6.10 1.14 -26.84
CA ALA A 11 4.96 2.06 -26.87
C ALA A 11 4.09 1.81 -28.08
N ARG A 12 2.78 1.97 -27.90
CA ARG A 12 1.82 1.83 -28.98
C ARG A 12 1.85 3.02 -29.94
N LYS A 13 2.10 4.22 -29.41
CA LYS A 13 1.98 5.45 -30.20
C LYS A 13 0.63 5.51 -30.96
N PRO A 14 -0.51 5.40 -30.24
CA PRO A 14 -1.83 5.46 -30.89
C PRO A 14 -2.02 6.76 -31.65
N LYS A 15 -2.57 6.66 -32.86
CA LYS A 15 -2.69 7.84 -33.72
C LYS A 15 -3.93 8.65 -33.38
N ASP A 16 -4.79 8.10 -32.53
CA ASP A 16 -6.07 8.68 -32.20
C ASP A 16 -6.22 9.24 -30.76
N LEU A 17 -5.13 9.75 -30.19
CA LEU A 17 -5.23 10.51 -28.93
C LEU A 17 -5.82 11.87 -29.18
N ASP A 18 -6.70 12.27 -28.28
CA ASP A 18 -7.60 13.39 -28.51
C ASP A 18 -7.70 14.19 -27.22
N ASP A 19 -6.80 15.15 -27.08
CA ASP A 19 -6.74 15.94 -25.85
C ASP A 19 -8.03 16.75 -25.65
N SER A 20 -8.51 17.40 -26.72
CA SER A 20 -9.68 18.26 -26.54
C SER A 20 -10.97 17.50 -26.18
N ALA A 21 -11.10 16.27 -26.67
CA ALA A 21 -12.18 15.42 -26.24
C ALA A 21 -12.12 15.14 -24.74
N VAL A 22 -10.92 14.83 -24.23
CA VAL A 22 -10.81 14.49 -22.81
C VAL A 22 -11.05 15.74 -21.98
N ALA A 23 -10.57 16.89 -22.44
CA ALA A 23 -10.77 18.15 -21.73
C ALA A 23 -12.27 18.42 -21.68
N ALA A 24 -12.97 18.21 -22.78
CA ALA A 24 -14.42 18.41 -22.75
C ALA A 24 -15.15 17.52 -21.74
N PHE A 25 -14.66 16.31 -21.56
CA PHE A 25 -15.19 15.38 -20.57
C PHE A 25 -14.86 15.77 -19.14
N LEU A 26 -13.67 16.30 -18.88
CA LEU A 26 -13.25 16.49 -17.50
C LEU A 26 -13.28 17.93 -16.98
N LYS A 27 -13.31 18.90 -17.89
CA LYS A 27 -13.19 20.29 -17.48
C LYS A 27 -14.26 20.67 -16.45
N ASP A 28 -13.76 21.22 -15.36
CA ASP A 28 -14.51 21.67 -14.19
C ASP A 28 -15.34 20.63 -13.46
N LYS A 29 -15.01 19.36 -13.67
CA LYS A 29 -15.69 18.32 -12.90
C LYS A 29 -15.01 18.08 -11.59
N VAL A 30 -15.79 17.64 -10.60
CA VAL A 30 -15.26 17.01 -9.42
C VAL A 30 -15.17 15.51 -9.73
N VAL A 31 -13.93 14.99 -9.62
CA VAL A 31 -13.63 13.61 -10.03
C VAL A 31 -12.99 12.90 -8.85
N LEU A 32 -13.45 11.70 -8.57
CA LEU A 32 -12.83 10.86 -7.58
C LEU A 32 -12.17 9.67 -8.26
N VAL A 33 -10.91 9.45 -7.88
CA VAL A 33 -10.12 8.31 -8.40
C VAL A 33 -9.88 7.37 -7.25
N SER A 34 -10.36 6.13 -7.34
CA SER A 34 -10.03 5.11 -6.36
C SER A 34 -8.75 4.43 -6.78
N GLY A 35 -7.92 4.04 -5.82
CA GLY A 35 -6.61 3.53 -6.17
C GLY A 35 -5.74 4.61 -6.79
N ALA A 36 -5.92 5.85 -6.28
CA ALA A 36 -5.29 7.03 -6.84
C ALA A 36 -3.77 7.02 -6.87
N GLY A 37 -3.14 6.32 -5.95
CA GLY A 37 -1.69 6.23 -5.91
C GLY A 37 -1.05 5.07 -6.67
N GLY A 38 -1.88 4.27 -7.31
CA GLY A 38 -1.40 3.07 -8.02
C GLY A 38 -0.80 3.41 -9.38
N THR A 39 -0.31 2.41 -10.08
CA THR A 39 0.22 2.72 -11.43
C THR A 39 -0.82 3.38 -12.33
N ILE A 40 -1.98 2.78 -12.42
CA ILE A 40 -3.02 3.34 -13.29
C ILE A 40 -3.69 4.56 -12.65
N GLY A 41 -4.02 4.43 -11.36
CA GLY A 41 -4.67 5.52 -10.65
C GLY A 41 -3.86 6.79 -10.67
N SER A 42 -2.54 6.69 -10.48
CA SER A 42 -1.71 7.89 -10.43
C SER A 42 -1.75 8.63 -11.77
N GLU A 43 -1.69 7.87 -12.86
CA GLU A 43 -1.78 8.47 -14.18
C GLU A 43 -3.17 9.06 -14.42
N LEU A 44 -4.22 8.38 -14.00
CA LEU A 44 -5.57 8.97 -14.04
C LEU A 44 -5.60 10.31 -13.30
N CYS A 45 -5.00 10.35 -12.11
CA CYS A 45 -4.91 11.64 -11.37
C CYS A 45 -4.20 12.70 -12.18
N LYS A 46 -3.00 12.39 -12.67
CA LYS A 46 -2.25 13.37 -13.46
C LYS A 46 -3.06 13.86 -14.67
N GLN A 47 -3.78 12.96 -15.34
CA GLN A 47 -4.52 13.39 -16.51
C GLN A 47 -5.78 14.17 -16.11
N CYS A 48 -6.38 13.87 -14.97
CA CYS A 48 -7.48 14.70 -14.47
C CYS A 48 -7.04 16.14 -14.30
N ILE A 49 -5.85 16.36 -13.74
CA ILE A 49 -5.30 17.73 -13.61
C ILE A 49 -5.03 18.33 -14.98
N LYS A 50 -4.34 17.58 -15.83
CA LYS A 50 -3.96 18.06 -17.17
C LYS A 50 -5.16 18.57 -17.97
N PHE A 51 -6.25 17.82 -17.85
CA PHE A 51 -7.41 18.02 -18.71
C PHE A 51 -8.52 18.80 -18.02
N GLY A 52 -8.19 19.43 -16.89
CA GLY A 52 -9.02 20.53 -16.34
C GLY A 52 -10.01 20.24 -15.25
N ALA A 53 -9.94 19.07 -14.62
CA ALA A 53 -10.84 18.79 -13.51
C ALA A 53 -10.73 19.91 -12.47
N LYS A 54 -11.87 20.27 -11.89
CA LYS A 54 -11.91 21.34 -10.89
C LYS A 54 -11.38 20.89 -9.56
N HIS A 55 -11.70 19.64 -9.20
CA HIS A 55 -11.36 19.11 -7.90
C HIS A 55 -11.15 17.62 -8.03
N LEU A 56 -9.97 17.16 -7.64
CA LEU A 56 -9.63 15.72 -7.70
C LEU A 56 -9.61 15.17 -6.26
N ILE A 57 -10.40 14.15 -6.03
CA ILE A 57 -10.47 13.41 -4.76
C ILE A 57 -9.71 12.10 -5.00
N MET A 58 -8.62 11.94 -4.25
CA MET A 58 -7.69 10.80 -4.41
C MET A 58 -7.90 9.82 -3.28
N VAL A 59 -8.47 8.66 -3.55
CA VAL A 59 -8.75 7.65 -2.53
C VAL A 59 -7.78 6.50 -2.68
N ASP A 60 -7.05 6.17 -1.61
CA ASP A 60 -6.15 5.00 -1.64
C ASP A 60 -5.97 4.53 -0.20
N HIS A 61 -5.85 3.23 -0.02
CA HIS A 61 -5.59 2.67 1.31
C HIS A 61 -4.12 2.56 1.65
N SER A 62 -3.25 2.72 0.66
CA SER A 62 -1.81 2.64 0.86
C SER A 62 -1.25 4.01 1.13
N GLU A 63 -0.75 4.24 2.35
CA GLU A 63 -0.32 5.58 2.72
C GLU A 63 0.86 6.08 1.85
N TYR A 64 1.88 5.26 1.61
CA TYR A 64 2.99 5.73 0.76
C TYR A 64 2.44 6.10 -0.62
N ASN A 65 1.58 5.25 -1.19
CA ASN A 65 1.08 5.54 -2.56
C ASN A 65 0.32 6.84 -2.60
N LEU A 66 -0.49 7.08 -1.58
CA LEU A 66 -1.28 8.32 -1.49
C LEU A 66 -0.35 9.51 -1.28
N TYR A 67 0.56 9.38 -0.32
CA TYR A 67 1.60 10.41 -0.11
C TYR A 67 2.30 10.77 -1.41
N LYS A 68 2.65 9.76 -2.20
CA LYS A 68 3.47 10.02 -3.35
C LYS A 68 2.70 10.73 -4.46
N ILE A 69 1.50 10.30 -4.80
CA ILE A 69 0.74 11.04 -5.83
C ILE A 69 0.36 12.42 -5.34
N ASN A 70 0.05 12.59 -4.07
CA ASN A 70 -0.22 13.94 -3.55
C ASN A 70 1.02 14.82 -3.65
N ASP A 71 2.20 14.26 -3.43
CA ASP A 71 3.45 15.01 -3.56
C ASP A 71 3.74 15.32 -5.03
N ASP A 72 3.52 14.34 -5.88
CA ASP A 72 3.74 14.51 -7.32
C ASP A 72 2.93 15.67 -7.86
N LEU A 73 1.74 15.87 -7.32
CA LEU A 73 0.83 16.92 -7.77
C LEU A 73 0.84 18.15 -6.87
N ASN A 74 1.93 18.37 -6.13
CA ASN A 74 1.95 19.47 -5.19
C ASN A 74 1.75 20.86 -5.80
N LEU A 75 2.11 21.03 -7.07
CA LEU A 75 1.84 22.33 -7.75
C LEU A 75 0.36 22.62 -7.91
N TYR A 76 -0.48 21.60 -7.69
CA TYR A 76 -1.93 21.65 -7.87
C TYR A 76 -2.62 21.34 -6.55
N LYS A 77 -1.90 21.51 -5.45
CA LYS A 77 -2.43 21.14 -4.14
C LYS A 77 -3.79 21.72 -3.76
N GLU A 78 -4.05 22.94 -4.25
CA GLU A 78 -5.30 23.62 -3.96
C GLU A 78 -6.52 22.98 -4.59
N LYS A 79 -6.31 22.09 -5.56
CA LYS A 79 -7.45 21.41 -6.18
C LYS A 79 -7.40 19.90 -6.04
N ILE A 80 -6.61 19.38 -5.10
CA ILE A 80 -6.60 17.94 -4.84
C ILE A 80 -6.81 17.65 -3.35
N THR A 81 -7.46 16.55 -3.04
CA THR A 81 -7.71 16.14 -1.65
C THR A 81 -7.31 14.68 -1.47
N PRO A 82 -6.33 14.43 -0.61
CA PRO A 82 -5.86 13.05 -0.39
C PRO A 82 -6.72 12.40 0.69
N ILE A 83 -7.40 11.34 0.30
CA ILE A 83 -8.26 10.58 1.21
C ILE A 83 -7.68 9.18 1.44
N LEU A 84 -7.19 8.99 2.66
CA LEU A 84 -6.57 7.75 3.10
C LEU A 84 -7.67 6.83 3.60
N LEU A 85 -8.08 5.86 2.78
CA LEU A 85 -9.32 5.14 2.95
C LEU A 85 -9.33 3.87 2.10
N SER A 86 -9.76 2.77 2.69
CA SER A 86 -10.17 1.61 1.91
C SER A 86 -11.60 1.76 1.41
N ILE A 87 -11.85 1.42 0.17
CA ILE A 87 -13.18 1.44 -0.39
C ILE A 87 -14.10 0.36 0.23
N LEU A 88 -13.55 -0.53 1.04
CA LEU A 88 -14.37 -1.47 1.81
C LEU A 88 -15.07 -0.81 3.00
N ASP A 89 -14.66 0.38 3.38
CA ASP A 89 -15.30 1.07 4.52
C ASP A 89 -16.45 1.89 4.02
N LYS A 90 -17.61 1.25 3.91
CA LYS A 90 -18.76 1.87 3.30
C LYS A 90 -19.19 3.14 3.98
N GLN A 91 -19.22 3.14 5.31
CA GLN A 91 -19.68 4.34 6.03
C GLN A 91 -18.78 5.54 5.77
N SER A 92 -17.47 5.33 5.80
CA SER A 92 -16.56 6.45 5.60
C SER A 92 -16.57 6.92 4.13
N LEU A 93 -16.64 5.94 3.24
CA LEU A 93 -16.78 6.22 1.80
C LEU A 93 -18.02 7.04 1.46
N ASP A 94 -19.16 6.65 2.04
N ASP A 94 -19.15 6.68 2.07
CA ASP A 94 -20.40 7.38 1.87
CA ASP A 94 -20.38 7.42 1.86
C ASP A 94 -20.23 8.84 2.33
C ASP A 94 -20.22 8.85 2.33
N GLU A 95 -19.55 9.06 3.46
CA GLU A 95 -19.32 10.41 3.96
C GLU A 95 -18.47 11.23 2.99
N VAL A 96 -17.48 10.58 2.40
CA VAL A 96 -16.63 11.25 1.42
C VAL A 96 -17.43 11.66 0.21
N LEU A 97 -18.26 10.78 -0.32
CA LEU A 97 -19.09 11.09 -1.49
C LEU A 97 -20.07 12.23 -1.18
N LYS A 98 -20.60 12.26 0.03
CA LYS A 98 -21.54 13.33 0.38
C LYS A 98 -20.85 14.67 0.51
N THR A 99 -19.64 14.64 1.03
CA THR A 99 -18.88 15.84 1.30
C THR A 99 -18.44 16.48 -0.04
N TYR A 100 -17.92 15.66 -0.96
CA TYR A 100 -17.30 16.21 -2.15
C TYR A 100 -18.19 16.14 -3.41
N LYS A 101 -19.19 15.26 -3.42
CA LYS A 101 -20.14 15.16 -4.50
C LYS A 101 -19.49 15.02 -5.91
N PRO A 102 -18.64 14.01 -6.06
CA PRO A 102 -18.08 13.82 -7.39
C PRO A 102 -19.12 13.50 -8.47
N GLU A 103 -18.86 13.96 -9.70
CA GLU A 103 -19.69 13.72 -10.85
C GLU A 103 -19.20 12.52 -11.64
N LEU A 104 -17.95 12.13 -11.38
CA LEU A 104 -17.30 11.01 -12.11
C LEU A 104 -16.44 10.26 -11.09
N ILE A 105 -16.51 8.92 -11.12
CA ILE A 105 -15.57 8.07 -10.42
C ILE A 105 -14.80 7.27 -11.46
N LEU A 106 -13.49 7.25 -11.27
CA LEU A 106 -12.58 6.43 -12.08
C LEU A 106 -12.01 5.38 -11.09
N HIS A 107 -12.38 4.14 -11.31
CA HIS A 107 -12.13 3.10 -10.32
C HIS A 107 -10.94 2.22 -10.75
N ALA A 108 -9.83 2.44 -10.06
CA ALA A 108 -8.54 1.81 -10.38
C ALA A 108 -7.96 1.14 -9.13
N ALA A 109 -8.81 0.85 -8.14
CA ALA A 109 -8.37 0.17 -6.90
C ALA A 109 -8.68 -1.32 -7.00
N ALA A 110 -7.67 -2.18 -6.88
CA ALA A 110 -7.85 -3.61 -6.93
C ALA A 110 -6.55 -4.27 -6.56
N TYR A 111 -6.60 -5.58 -6.32
CA TYR A 111 -5.44 -6.42 -6.29
C TYR A 111 -5.33 -7.10 -7.66
N LYS A 112 -4.12 -7.13 -8.21
CA LYS A 112 -3.87 -7.56 -9.58
C LYS A 112 -2.86 -8.68 -9.73
N HIS A 113 -2.13 -9.03 -8.69
CA HIS A 113 -1.03 -10.01 -8.87
C HIS A 113 -1.58 -11.42 -8.88
N VAL A 114 -1.39 -12.10 -10.00
CA VAL A 114 -2.01 -13.42 -10.13
C VAL A 114 -1.52 -14.40 -9.09
N PRO A 115 -0.19 -14.55 -8.91
CA PRO A 115 0.24 -15.48 -7.86
C PRO A 115 -0.26 -15.17 -6.45
N LEU A 116 -0.19 -13.92 -6.02
CA LEU A 116 -0.66 -13.56 -4.70
C LEU A 116 -2.15 -13.81 -4.51
N CYS A 117 -2.92 -13.62 -5.58
CA CYS A 117 -4.34 -13.83 -5.50
C CYS A 117 -4.68 -15.33 -5.52
N GLU A 118 -3.85 -16.15 -6.19
CA GLU A 118 -3.97 -17.61 -6.05
C GLU A 118 -3.77 -18.08 -4.62
N GLN A 119 -2.78 -17.47 -3.96
CA GLN A 119 -2.48 -17.78 -2.56
C GLN A 119 -3.46 -17.16 -1.56
N ASN A 120 -4.15 -16.08 -1.94
CA ASN A 120 -5.06 -15.37 -1.08
C ASN A 120 -6.42 -15.12 -1.77
N PRO A 121 -7.10 -16.21 -2.12
CA PRO A 121 -8.29 -15.99 -2.94
C PRO A 121 -9.43 -15.29 -2.20
N HIS A 122 -9.58 -15.49 -0.90
CA HIS A 122 -10.57 -14.74 -0.16
C HIS A 122 -10.32 -13.23 -0.17
N SER A 123 -9.08 -12.85 0.09
CA SER A 123 -8.78 -11.42 -0.01
C SER A 123 -9.00 -10.83 -1.40
N ALA A 124 -8.71 -11.60 -2.45
CA ALA A 124 -8.99 -11.16 -3.79
C ALA A 124 -10.48 -10.92 -4.00
N VAL A 125 -11.30 -11.86 -3.55
CA VAL A 125 -12.75 -11.65 -3.62
C VAL A 125 -13.23 -10.43 -2.84
N ILE A 126 -12.79 -10.29 -1.59
CA ILE A 126 -13.20 -9.17 -0.76
C ILE A 126 -12.70 -7.84 -1.37
N ASN A 127 -11.41 -7.73 -1.67
CA ASN A 127 -10.91 -6.45 -2.08
C ASN A 127 -11.47 -6.04 -3.45
N ASN A 128 -11.55 -7.00 -4.37
CA ASN A 128 -11.92 -6.73 -5.77
C ASN A 128 -13.43 -6.71 -5.92
N ILE A 129 -14.09 -7.83 -5.61
CA ILE A 129 -15.53 -7.86 -5.81
C ILE A 129 -16.30 -7.08 -4.75
N LEU A 130 -16.06 -7.32 -3.47
CA LEU A 130 -16.78 -6.53 -2.47
C LEU A 130 -16.42 -5.05 -2.51
N GLY A 131 -15.15 -4.71 -2.70
CA GLY A 131 -14.75 -3.32 -2.82
C GLY A 131 -15.46 -2.62 -3.96
N THR A 132 -15.53 -3.30 -5.11
CA THR A 132 -16.15 -2.70 -6.30
C THR A 132 -17.65 -2.55 -6.02
N LYS A 133 -18.24 -3.56 -5.40
CA LYS A 133 -19.68 -3.46 -5.08
C LYS A 133 -19.94 -2.27 -4.15
N ILE A 134 -19.20 -2.14 -3.06
CA ILE A 134 -19.35 -1.04 -2.15
C ILE A 134 -19.17 0.32 -2.82
N LEU A 135 -18.12 0.47 -3.61
CA LEU A 135 -17.86 1.74 -4.27
C LEU A 135 -18.94 2.07 -5.32
N CYS A 136 -19.32 1.09 -6.13
CA CYS A 136 -20.33 1.31 -7.18
C CYS A 136 -21.68 1.62 -6.53
N ASP A 137 -22.05 0.82 -5.53
CA ASP A 137 -23.33 1.09 -4.83
C ASP A 137 -23.35 2.47 -4.22
N SER A 138 -22.27 2.85 -3.54
CA SER A 138 -22.21 4.16 -2.90
C SER A 138 -22.28 5.24 -3.95
N ALA A 139 -21.61 5.04 -5.10
CA ALA A 139 -21.64 6.01 -6.16
C ALA A 139 -23.08 6.22 -6.67
N LYS A 140 -23.78 5.11 -6.93
CA LYS A 140 -25.13 5.19 -7.51
C LYS A 140 -26.05 5.86 -6.47
N GLU A 141 -25.91 5.48 -5.21
CA GLU A 141 -26.77 6.03 -4.13
C GLU A 141 -26.60 7.53 -3.96
N ASN A 142 -25.36 8.00 -4.10
CA ASN A 142 -25.00 9.39 -3.97
C ASN A 142 -25.02 10.17 -5.30
N LYS A 143 -25.68 9.61 -6.31
CA LYS A 143 -26.00 10.32 -7.55
C LYS A 143 -24.76 10.77 -8.31
N VAL A 144 -23.69 10.00 -8.23
CA VAL A 144 -22.58 10.18 -9.16
C VAL A 144 -23.04 9.87 -10.57
N ALA A 145 -22.74 10.78 -11.50
CA ALA A 145 -23.28 10.67 -12.85
C ALA A 145 -22.71 9.55 -13.68
N LYS A 146 -21.40 9.36 -13.55
CA LYS A 146 -20.70 8.40 -14.41
C LYS A 146 -19.62 7.67 -13.61
N PHE A 147 -19.42 6.40 -13.95
CA PHE A 147 -18.53 5.52 -13.21
C PHE A 147 -17.77 4.71 -14.25
N VAL A 148 -16.43 4.77 -14.23
CA VAL A 148 -15.63 4.07 -15.22
C VAL A 148 -14.70 3.13 -14.47
N MET A 149 -14.80 1.85 -14.76
CA MET A 149 -13.89 0.91 -14.13
C MET A 149 -12.83 0.41 -15.10
N ILE A 150 -11.62 0.32 -14.57
CA ILE A 150 -10.47 -0.25 -15.25
C ILE A 150 -10.54 -1.76 -15.14
N SER A 151 -10.43 -2.41 -16.29
CA SER A 151 -10.36 -3.85 -16.36
C SER A 151 -9.20 -4.36 -17.19
N SER A 152 -9.13 -5.66 -17.36
CA SER A 152 -7.88 -6.30 -17.77
C SER A 152 -8.19 -7.33 -18.84
N ASP A 153 -7.25 -7.63 -19.73
CA ASP A 153 -7.39 -8.79 -20.60
C ASP A 153 -7.43 -10.10 -19.80
N LYS A 154 -6.96 -10.08 -18.56
CA LYS A 154 -7.07 -11.27 -17.72
C LYS A 154 -8.51 -11.62 -17.33
N ALA A 155 -9.44 -10.69 -17.51
CA ALA A 155 -10.86 -10.91 -17.26
C ALA A 155 -11.53 -11.70 -18.37
N VAL A 156 -10.82 -11.88 -19.47
CA VAL A 156 -11.34 -12.54 -20.65
C VAL A 156 -11.00 -14.04 -20.60
N ARG A 157 -12.05 -14.87 -20.55
CA ARG A 157 -11.88 -16.32 -20.39
C ARG A 157 -10.86 -16.63 -19.31
N PRO A 158 -11.15 -16.15 -18.10
CA PRO A 158 -10.10 -16.19 -17.08
C PRO A 158 -9.65 -17.57 -16.66
N THR A 159 -8.36 -17.68 -16.32
CA THR A 159 -7.76 -18.94 -15.82
C THR A 159 -7.21 -18.78 -14.42
N ASN A 160 -7.43 -17.60 -13.83
CA ASN A 160 -6.91 -17.33 -12.49
C ASN A 160 -7.94 -16.60 -11.65
N ILE A 161 -7.80 -16.72 -10.33
CA ILE A 161 -8.69 -16.10 -9.38
C ILE A 161 -8.76 -14.60 -9.66
N MET A 162 -7.61 -13.97 -9.82
CA MET A 162 -7.58 -12.53 -10.02
C MET A 162 -8.47 -12.12 -11.20
N GLY A 163 -8.16 -12.66 -12.38
CA GLY A 163 -8.91 -12.32 -13.59
C GLY A 163 -10.38 -12.62 -13.43
N CYS A 164 -10.71 -13.73 -12.79
CA CYS A 164 -12.13 -14.04 -12.56
C CYS A 164 -12.84 -13.02 -11.67
N THR A 165 -12.16 -12.55 -10.63
CA THR A 165 -12.73 -11.49 -9.80
C THR A 165 -12.97 -10.24 -10.59
N LYS A 166 -12.06 -9.89 -11.51
CA LYS A 166 -12.27 -8.73 -12.34
C LYS A 166 -13.46 -8.89 -13.28
N ARG A 167 -13.65 -10.10 -13.81
CA ARG A 167 -14.84 -10.36 -14.63
C ARG A 167 -16.11 -10.18 -13.80
N VAL A 168 -16.14 -10.69 -12.58
CA VAL A 168 -17.32 -10.46 -11.71
C VAL A 168 -17.58 -8.97 -11.54
N CYS A 169 -16.50 -8.20 -11.36
CA CYS A 169 -16.64 -6.76 -11.23
C CYS A 169 -17.22 -6.09 -12.47
N GLU A 170 -16.88 -6.58 -13.65
CA GLU A 170 -17.44 -6.06 -14.89
C GLU A 170 -18.95 -6.34 -14.86
N LEU A 171 -19.28 -7.58 -14.56
CA LEU A 171 -20.71 -7.96 -14.54
C LEU A 171 -21.51 -7.09 -13.59
N TYR A 172 -20.97 -6.84 -12.40
CA TYR A 172 -21.68 -6.09 -11.38
C TYR A 172 -21.87 -4.65 -11.79
N THR A 173 -20.77 -4.01 -12.18
CA THR A 173 -20.83 -2.60 -12.53
C THR A 173 -21.70 -2.35 -13.74
N LEU A 174 -21.54 -3.17 -14.78
CA LEU A 174 -22.36 -2.97 -15.96
C LEU A 174 -23.83 -3.21 -15.67
N SER A 175 -24.12 -4.14 -14.77
CA SER A 175 -25.54 -4.45 -14.46
C SER A 175 -26.17 -3.33 -13.65
N MET A 176 -25.37 -2.47 -13.02
CA MET A 176 -25.85 -1.33 -12.24
C MET A 176 -26.15 -0.11 -13.09
N SER A 177 -25.75 -0.13 -14.36
CA SER A 177 -25.86 1.05 -15.22
C SER A 177 -27.36 1.25 -15.55
N ASP A 178 -27.78 2.49 -15.47
CA ASP A 178 -29.15 2.83 -15.92
C ASP A 178 -29.18 4.24 -16.44
N GLU A 179 -30.36 4.78 -16.68
CA GLU A 179 -30.35 6.08 -17.35
C GLU A 179 -29.91 7.23 -16.45
N ASN A 180 -29.81 7.02 -15.14
CA ASN A 180 -29.26 8.05 -14.24
C ASN A 180 -27.78 7.88 -13.85
N PHE A 181 -27.24 6.69 -14.10
CA PHE A 181 -25.92 6.29 -13.55
C PHE A 181 -25.27 5.50 -14.66
N GLU A 182 -24.37 6.18 -15.37
CA GLU A 182 -23.73 5.62 -16.56
C GLU A 182 -22.43 4.95 -16.19
N VAL A 183 -22.39 3.66 -16.45
CA VAL A 183 -21.17 2.88 -16.16
C VAL A 183 -20.51 2.44 -17.44
N ALA A 184 -19.17 2.53 -17.48
CA ALA A 184 -18.40 1.85 -18.51
C ALA A 184 -17.22 1.13 -17.89
N CYS A 185 -16.83 0.02 -18.51
CA CYS A 185 -15.62 -0.71 -18.16
C CYS A 185 -14.69 -0.62 -19.35
N VAL A 186 -13.40 -0.56 -19.12
CA VAL A 186 -12.45 -0.52 -20.22
C VAL A 186 -11.34 -1.55 -19.96
N ARG A 187 -11.25 -2.52 -20.86
CA ARG A 187 -10.25 -3.60 -20.79
C ARG A 187 -9.03 -3.23 -21.60
N PHE A 188 -7.85 -3.45 -21.05
CA PHE A 188 -6.60 -3.30 -21.81
C PHE A 188 -5.58 -4.26 -21.22
N GLY A 189 -4.48 -4.43 -21.91
CA GLY A 189 -3.41 -5.33 -21.46
C GLY A 189 -2.32 -4.63 -20.70
N ASN A 190 -1.14 -5.26 -20.65
CA ASN A 190 -0.10 -4.84 -19.76
C ASN A 190 0.42 -3.43 -20.00
N VAL A 191 0.61 -2.68 -18.90
CA VAL A 191 1.19 -1.39 -18.95
C VAL A 191 2.69 -1.46 -18.69
N LEU A 192 3.45 -0.91 -19.60
CA LEU A 192 4.91 -0.98 -19.54
C LEU A 192 5.40 -0.40 -18.22
N GLY A 193 6.19 -1.18 -17.48
CA GLY A 193 6.84 -0.61 -16.31
C GLY A 193 5.97 -0.46 -15.06
N SER A 194 4.83 -1.11 -15.04
CA SER A 194 3.88 -1.03 -13.93
C SER A 194 4.38 -1.62 -12.64
N SER A 195 3.68 -1.29 -11.53
CA SER A 195 4.21 -1.73 -10.24
C SER A 195 4.35 -3.24 -10.23
N GLY A 196 5.49 -3.69 -9.81
CA GLY A 196 5.67 -5.13 -9.53
C GLY A 196 5.67 -6.00 -10.77
N SER A 197 5.99 -5.37 -11.90
CA SER A 197 5.90 -6.03 -13.23
C SER A 197 7.24 -6.51 -13.77
N VAL A 198 7.21 -7.11 -14.96
CA VAL A 198 8.38 -7.74 -15.51
C VAL A 198 9.53 -6.82 -15.85
N ILE A 199 9.25 -5.62 -16.36
CA ILE A 199 10.32 -4.72 -16.72
C ILE A 199 11.09 -4.27 -15.47
N PRO A 200 10.42 -3.83 -14.38
CA PRO A 200 11.29 -3.53 -13.20
C PRO A 200 12.00 -4.74 -12.60
N LYS A 201 11.42 -5.94 -12.73
CA LYS A 201 12.11 -7.13 -12.23
C LYS A 201 13.39 -7.37 -13.03
N PHE A 202 13.29 -7.31 -14.35
CA PHE A 202 14.44 -7.46 -15.22
C PHE A 202 15.49 -6.39 -14.99
N LYS A 203 15.06 -5.13 -14.79
CA LYS A 203 16.00 -4.06 -14.47
C LYS A 203 16.74 -4.41 -13.18
N ALA A 204 16.03 -4.86 -12.14
CA ALA A 204 16.67 -5.10 -10.84
C ALA A 204 17.59 -6.33 -10.91
N GLN A 205 17.23 -7.35 -11.71
CA GLN A 205 18.16 -8.44 -11.98
C GLN A 205 19.44 -8.04 -12.71
N ILE A 206 19.32 -7.23 -13.76
CA ILE A 206 20.48 -6.80 -14.55
C ILE A 206 21.42 -5.87 -13.73
N ALA A 207 20.85 -5.03 -12.87
CA ALA A 207 21.64 -4.09 -12.06
C ALA A 207 22.55 -4.91 -11.17
N ASN A 208 21.96 -5.93 -10.55
CA ASN A 208 22.61 -6.79 -9.58
C ASN A 208 23.32 -7.99 -10.22
N ASN A 209 23.63 -7.87 -11.51
CA ASN A 209 24.35 -8.88 -12.26
C ASN A 209 23.79 -10.31 -12.10
N GLU A 210 22.45 -10.42 -12.04
CA GLU A 210 21.76 -11.71 -11.87
C GLU A 210 21.13 -12.18 -13.19
N PRO A 211 21.06 -13.50 -13.43
CA PRO A 211 20.42 -13.97 -14.67
C PRO A 211 18.98 -13.48 -14.69
N LEU A 212 18.46 -13.26 -15.89
CA LEU A 212 17.07 -12.85 -16.03
C LEU A 212 16.22 -14.11 -15.93
N THR A 213 15.12 -14.02 -15.21
CA THR A 213 14.27 -15.17 -15.00
C THR A 213 13.04 -15.08 -15.88
N LEU A 214 13.00 -15.92 -16.91
CA LEU A 214 11.91 -15.94 -17.91
C LEU A 214 11.01 -17.13 -17.65
N THR A 215 9.70 -16.91 -17.58
CA THR A 215 8.79 -17.98 -17.21
C THR A 215 8.73 -19.10 -18.27
N HIS A 216 8.76 -18.74 -19.55
CA HIS A 216 8.57 -19.73 -20.63
C HIS A 216 9.06 -19.09 -21.92
N PRO A 217 9.78 -19.84 -22.76
CA PRO A 217 10.34 -19.26 -23.97
C PRO A 217 9.34 -18.67 -24.96
N ASP A 218 8.07 -19.08 -24.85
CA ASP A 218 7.07 -18.73 -25.84
C ASP A 218 6.06 -17.72 -25.33
N ILE A 219 6.22 -17.27 -24.10
CA ILE A 219 5.19 -16.42 -23.50
C ILE A 219 5.17 -15.02 -24.14
N VAL A 220 3.94 -14.51 -24.29
CA VAL A 220 3.61 -13.30 -25.00
C VAL A 220 2.67 -12.44 -24.17
N ARG A 221 2.88 -11.13 -24.20
CA ARG A 221 1.93 -10.16 -23.67
C ARG A 221 1.81 -9.00 -24.63
N TYR A 222 0.71 -8.25 -24.49
CA TYR A 222 0.47 -7.03 -25.20
C TYR A 222 0.82 -5.91 -24.26
N PHE A 223 1.38 -4.84 -24.79
CA PHE A 223 1.84 -3.72 -23.97
C PHE A 223 1.44 -2.34 -24.51
N MET A 224 1.29 -1.41 -23.56
CA MET A 224 1.02 -0.02 -23.86
C MET A 224 1.69 0.85 -22.78
N LEU A 225 2.05 2.07 -23.13
CA LEU A 225 2.51 3.03 -22.13
C LEU A 225 1.34 3.44 -21.26
N VAL A 226 1.63 3.70 -19.99
CA VAL A 226 0.54 4.06 -19.08
C VAL A 226 -0.21 5.32 -19.56
N ALA A 227 0.50 6.30 -20.11
CA ALA A 227 -0.17 7.55 -20.53
C ALA A 227 -1.08 7.28 -21.71
N GLU A 228 -0.71 6.32 -22.54
CA GLU A 228 -1.54 5.98 -23.74
C GLU A 228 -2.79 5.24 -23.29
N ALA A 229 -2.63 4.25 -22.42
CA ALA A 229 -3.76 3.46 -21.95
C ALA A 229 -4.75 4.35 -21.21
N VAL A 230 -4.22 5.19 -20.34
CA VAL A 230 -5.09 6.03 -19.53
C VAL A 230 -5.83 7.08 -20.35
N GLN A 231 -5.14 7.70 -21.30
CA GLN A 231 -5.87 8.67 -22.13
C GLN A 231 -6.96 7.99 -22.96
N LEU A 232 -6.67 6.78 -23.46
CA LEU A 232 -7.72 6.07 -24.19
C LEU A 232 -8.88 5.65 -23.28
N VAL A 233 -8.59 5.27 -22.03
CA VAL A 233 -9.64 5.01 -21.04
C VAL A 233 -10.58 6.24 -20.88
N LEU A 234 -9.97 7.41 -20.80
CA LEU A 234 -10.69 8.67 -20.62
C LEU A 234 -11.46 9.02 -21.87
N GLN A 235 -10.90 8.74 -23.04
CA GLN A 235 -11.68 8.94 -24.29
C GLN A 235 -12.89 8.03 -24.35
N ALA A 236 -12.72 6.78 -23.91
CA ALA A 236 -13.83 5.87 -23.87
C ALA A 236 -14.88 6.36 -22.87
N GLY A 237 -14.46 6.77 -21.70
CA GLY A 237 -15.41 7.32 -20.72
C GLY A 237 -16.18 8.50 -21.27
N ALA A 238 -15.50 9.33 -22.05
CA ALA A 238 -16.07 10.57 -22.60
C ALA A 238 -17.20 10.23 -23.57
N ILE A 239 -17.04 9.17 -24.35
CA ILE A 239 -18.06 8.82 -25.36
C ILE A 239 -19.12 7.88 -24.84
N ALA A 240 -18.93 7.33 -23.65
CA ALA A 240 -19.81 6.32 -23.12
C ALA A 240 -21.19 6.91 -22.87
N LYS A 241 -22.19 6.12 -23.22
CA LYS A 241 -23.57 6.49 -22.86
C LYS A 241 -24.11 5.71 -21.68
N GLY A 242 -23.31 4.76 -21.22
CA GLY A 242 -23.71 3.84 -20.17
C GLY A 242 -23.94 2.44 -20.67
N GLY A 243 -23.34 1.49 -19.95
CA GLY A 243 -23.47 0.09 -20.17
C GLY A 243 -22.42 -0.51 -21.09
N GLU A 244 -21.40 0.25 -21.47
CA GLU A 244 -20.44 -0.22 -22.45
C GLU A 244 -19.30 -0.92 -21.80
N LEU A 245 -18.90 -2.03 -22.41
CA LEU A 245 -17.65 -2.69 -22.14
C LEU A 245 -16.74 -2.37 -23.31
N PHE A 246 -15.75 -1.52 -23.09
CA PHE A 246 -14.81 -1.11 -24.12
C PHE A 246 -13.54 -1.94 -24.07
N VAL A 247 -12.92 -2.07 -25.25
CA VAL A 247 -11.67 -2.77 -25.33
C VAL A 247 -10.71 -1.97 -26.16
N LEU A 248 -9.46 -1.94 -25.73
CA LEU A 248 -8.42 -1.19 -26.42
C LEU A 248 -7.63 -2.06 -27.40
N ASP A 249 -7.23 -1.47 -28.52
CA ASP A 249 -6.30 -2.10 -29.46
C ASP A 249 -4.85 -1.90 -28.93
N MET A 250 -4.25 -3.02 -28.54
CA MET A 250 -2.94 -3.02 -27.96
C MET A 250 -1.80 -3.17 -28.95
N GLY A 251 -2.12 -3.31 -30.22
CA GLY A 251 -1.07 -3.52 -31.19
C GLY A 251 -0.53 -4.92 -31.24
N LYS A 252 0.77 -5.04 -31.52
CA LYS A 252 1.32 -6.36 -31.74
C LYS A 252 1.71 -7.03 -30.44
N PRO A 253 1.52 -8.35 -30.38
CA PRO A 253 2.05 -9.14 -29.27
C PRO A 253 3.57 -9.03 -29.13
N VAL A 254 4.09 -9.09 -27.91
CA VAL A 254 5.52 -9.05 -27.67
C VAL A 254 5.89 -10.35 -26.96
N LYS A 255 6.82 -11.09 -27.53
CA LYS A 255 7.41 -12.21 -26.83
C LYS A 255 8.32 -11.71 -25.70
N ILE A 256 8.12 -12.27 -24.53
CA ILE A 256 8.86 -11.81 -23.36
C ILE A 256 10.33 -12.15 -23.55
N ILE A 257 10.63 -13.25 -24.26
CA ILE A 257 12.04 -13.55 -24.52
C ILE A 257 12.72 -12.45 -25.33
N ASP A 258 12.02 -11.88 -26.31
CA ASP A 258 12.56 -10.75 -27.08
C ASP A 258 12.66 -9.48 -26.23
N LEU A 259 11.75 -9.29 -25.29
CA LEU A 259 11.80 -8.21 -24.32
C LEU A 259 13.05 -8.33 -23.46
N ALA A 260 13.25 -9.53 -22.93
CA ALA A 260 14.43 -9.81 -22.09
C ALA A 260 15.68 -9.57 -22.92
N LYS A 261 15.73 -10.13 -24.12
CA LYS A 261 16.91 -10.02 -24.95
C LYS A 261 17.24 -8.58 -25.35
N LYS A 262 16.20 -7.78 -25.62
CA LYS A 262 16.38 -6.36 -25.93
C LYS A 262 16.86 -5.57 -24.71
N MET A 263 16.31 -5.87 -23.54
CA MET A 263 16.77 -5.19 -22.32
C MET A 263 18.26 -5.44 -22.11
N LEU A 264 18.73 -6.62 -22.46
CA LEU A 264 20.13 -6.97 -22.28
C LEU A 264 20.97 -6.21 -23.28
N LEU A 265 20.50 -6.15 -24.53
CA LEU A 265 21.21 -5.41 -25.56
C LEU A 265 21.28 -3.92 -25.23
N LEU A 266 20.19 -3.33 -24.75
CA LEU A 266 20.17 -1.91 -24.41
C LEU A 266 20.98 -1.58 -23.17
N SER A 267 21.03 -2.51 -22.22
CA SER A 267 21.79 -2.29 -20.99
C SER A 267 23.26 -2.59 -21.25
N ASN A 268 23.58 -2.99 -22.49
CA ASN A 268 24.89 -3.54 -22.82
C ASN A 268 25.28 -4.62 -21.80
N ARG A 269 24.38 -5.58 -21.57
CA ARG A 269 24.62 -6.64 -20.61
C ARG A 269 24.32 -8.02 -21.17
N ASN A 270 24.87 -8.27 -22.36
CA ASN A 270 24.78 -9.59 -22.97
C ASN A 270 25.62 -10.66 -22.26
N ASP A 271 26.42 -10.26 -21.26
CA ASP A 271 27.10 -11.20 -20.35
C ASP A 271 26.14 -12.05 -19.49
N LEU A 272 24.90 -11.59 -19.31
CA LEU A 272 23.95 -12.30 -18.46
C LEU A 272 23.17 -13.39 -19.19
N GLU A 273 22.86 -14.48 -18.49
CA GLU A 273 22.07 -15.56 -19.06
C GLU A 273 20.59 -15.29 -18.84
N ILE A 274 19.77 -15.97 -19.64
CA ILE A 274 18.32 -15.98 -19.45
C ILE A 274 17.95 -17.39 -18.98
N LYS A 275 17.41 -17.48 -17.77
CA LYS A 275 17.08 -18.76 -17.19
C LYS A 275 15.58 -18.96 -17.32
N ILE A 276 15.15 -20.14 -17.77
CA ILE A 276 13.74 -20.50 -17.80
C ILE A 276 13.26 -21.08 -16.46
N THR A 277 12.22 -20.47 -15.88
CA THR A 277 11.75 -20.86 -14.52
C THR A 277 10.40 -21.59 -14.48
N GLY A 278 9.58 -21.47 -15.51
CA GLY A 278 8.31 -22.18 -15.60
C GLY A 278 7.01 -21.38 -15.43
N LEU A 279 5.96 -21.80 -16.14
CA LEU A 279 4.66 -21.16 -16.14
C LEU A 279 4.01 -21.41 -14.79
N ARG A 280 3.49 -20.36 -14.19
CA ARG A 280 2.96 -20.43 -12.84
C ARG A 280 1.48 -20.74 -12.82
N LYS A 281 0.98 -21.15 -11.66
CA LYS A 281 -0.42 -21.49 -11.54
C LYS A 281 -1.24 -20.29 -11.97
N GLY A 282 -2.20 -20.52 -12.84
CA GLY A 282 -3.12 -19.46 -13.22
C GLY A 282 -2.66 -18.69 -14.43
N GLU A 283 -1.38 -18.85 -14.79
CA GLU A 283 -0.75 -18.00 -15.82
C GLU A 283 -0.97 -18.49 -17.25
N LYS A 284 -1.32 -17.55 -18.13
CA LYS A 284 -1.51 -17.85 -19.54
C LYS A 284 -0.25 -17.67 -20.33
N LEU A 285 -0.01 -18.56 -21.29
CA LEU A 285 1.07 -18.36 -22.22
C LEU A 285 0.82 -17.19 -23.16
N TYR A 286 -0.43 -17.05 -23.63
CA TYR A 286 -0.84 -15.93 -24.49
C TYR A 286 -2.15 -15.38 -23.91
N GLU A 287 -2.19 -14.10 -23.53
CA GLU A 287 -3.45 -13.56 -23.08
C GLU A 287 -4.34 -13.43 -24.31
N GLU A 288 -5.61 -13.25 -24.04
CA GLU A 288 -6.62 -13.21 -25.09
C GLU A 288 -6.49 -11.93 -25.86
N LEU A 289 -6.72 -11.97 -27.16
CA LEU A 289 -6.75 -10.74 -27.96
C LEU A 289 -8.05 -10.02 -27.64
N LEU A 290 -7.94 -8.74 -27.33
CA LEU A 290 -9.05 -7.99 -26.76
C LEU A 290 -10.20 -7.69 -27.74
N ILE A 291 -9.86 -7.46 -29.01
CA ILE A 291 -10.88 -7.00 -30.00
C ILE A 291 -11.35 -8.21 -30.78
N ASP A 292 -12.65 -8.45 -30.73
CA ASP A 292 -13.35 -9.52 -31.42
C ASP A 292 -13.79 -8.97 -32.78
N GLU A 293 -13.91 -9.84 -33.78
CA GLU A 293 -14.19 -9.35 -35.12
C GLU A 293 -15.59 -8.76 -35.22
N ASN A 294 -16.48 -9.08 -34.27
CA ASN A 294 -17.81 -8.48 -34.32
C ASN A 294 -18.03 -7.36 -33.31
N ASP A 295 -16.97 -6.91 -32.64
CA ASP A 295 -17.10 -5.73 -31.76
C ASP A 295 -17.42 -4.48 -32.56
N ALA A 296 -18.06 -3.52 -31.92
CA ALA A 296 -18.43 -2.30 -32.61
C ALA A 296 -17.30 -1.30 -32.67
N LYS A 297 -17.13 -0.67 -33.82
CA LYS A 297 -16.21 0.46 -33.93
C LYS A 297 -16.74 1.70 -33.19
N THR A 298 -15.80 2.52 -32.77
CA THR A 298 -16.07 3.89 -32.32
C THR A 298 -15.40 4.87 -33.26
N GLN A 299 -15.54 6.17 -32.99
CA GLN A 299 -14.77 7.14 -33.71
C GLN A 299 -13.28 7.09 -33.48
N TYR A 300 -12.81 6.27 -32.52
CA TYR A 300 -11.39 6.14 -32.28
C TYR A 300 -10.96 4.74 -32.73
N GLU A 301 -9.97 4.72 -33.60
CA GLU A 301 -9.52 3.44 -34.12
C GLU A 301 -8.97 2.49 -33.05
N SER A 302 -8.54 3.05 -31.92
CA SER A 302 -7.99 2.24 -30.84
C SER A 302 -9.01 1.70 -29.83
N ILE A 303 -10.27 2.09 -29.94
CA ILE A 303 -11.29 1.77 -28.94
C ILE A 303 -12.49 1.10 -29.64
N PHE A 304 -12.85 -0.08 -29.18
CA PHE A 304 -14.01 -0.81 -29.63
C PHE A 304 -14.95 -1.15 -28.48
N VAL A 305 -16.18 -1.50 -28.84
CA VAL A 305 -17.18 -1.84 -27.85
C VAL A 305 -17.50 -3.34 -28.01
N ALA A 306 -17.26 -4.09 -26.95
CA ALA A 306 -17.55 -5.54 -26.89
C ALA A 306 -18.98 -5.80 -26.47
N LYS A 307 -19.50 -6.98 -26.81
CA LYS A 307 -20.85 -7.34 -26.36
C LYS A 307 -20.84 -7.63 -24.86
N ASN A 308 -21.90 -7.25 -24.17
CA ASN A 308 -22.11 -7.69 -22.79
C ASN A 308 -23.63 -7.70 -22.53
N GLU A 309 -24.10 -8.70 -21.82
CA GLU A 309 -25.48 -8.70 -21.34
C GLU A 309 -25.52 -8.43 -19.84
N LYS A 310 -26.52 -7.67 -19.40
CA LYS A 310 -26.73 -7.42 -17.98
C LYS A 310 -27.10 -8.77 -17.38
N VAL A 311 -26.75 -8.94 -16.11
CA VAL A 311 -27.29 -10.01 -15.28
C VAL A 311 -28.24 -9.40 -14.26
N ASP A 312 -29.14 -10.22 -13.72
CA ASP A 312 -30.01 -9.75 -12.66
C ASP A 312 -29.25 -9.49 -11.36
N LEU A 313 -29.39 -8.28 -10.81
CA LEU A 313 -28.64 -7.92 -9.61
C LEU A 313 -29.10 -8.71 -8.38
N ASP A 314 -30.36 -9.10 -8.30
CA ASP A 314 -30.80 -9.94 -7.17
C ASP A 314 -29.97 -11.23 -7.14
N TRP A 315 -29.82 -11.86 -8.30
CA TRP A 315 -29.03 -13.09 -8.46
C TRP A 315 -27.55 -12.82 -8.13
N LEU A 316 -26.99 -11.80 -8.73
CA LEU A 316 -25.55 -11.55 -8.55
C LEU A 316 -25.23 -11.14 -7.12
N ASN A 317 -26.07 -10.31 -6.50
CA ASN A 317 -25.90 -10.00 -5.08
C ASN A 317 -25.94 -11.25 -4.21
N LYS A 318 -26.85 -12.19 -4.50
CA LYS A 318 -26.85 -13.43 -3.75
C LYS A 318 -25.60 -14.25 -3.97
N GLU A 319 -25.07 -14.26 -5.20
CA GLU A 319 -23.87 -15.03 -5.45
C GLU A 319 -22.69 -14.35 -4.74
N ILE A 320 -22.69 -13.03 -4.68
CA ILE A 320 -21.59 -12.29 -4.02
C ILE A 320 -21.62 -12.54 -2.52
N GLU A 321 -22.82 -12.67 -1.94
CA GLU A 321 -22.94 -13.14 -0.55
C GLU A 321 -22.35 -14.52 -0.38
N ASN A 322 -22.67 -15.41 -1.30
CA ASN A 322 -22.18 -16.77 -1.19
C ASN A 322 -20.65 -16.80 -1.24
N LEU A 323 -20.04 -15.95 -2.07
CA LEU A 323 -18.59 -15.97 -2.23
C LEU A 323 -17.89 -15.67 -0.92
N GLN A 324 -18.56 -14.92 -0.08
CA GLN A 324 -18.01 -14.47 1.18
C GLN A 324 -18.06 -15.57 2.26
N ILE A 325 -18.87 -16.59 2.06
CA ILE A 325 -19.06 -17.63 3.09
C ILE A 325 -18.75 -19.04 2.59
N CYS A 326 -18.43 -19.18 1.31
CA CYS A 326 -18.35 -20.52 0.71
C CYS A 326 -17.07 -21.27 1.06
N GLU A 327 -17.11 -22.58 0.92
CA GLU A 327 -15.96 -23.43 1.21
C GLU A 327 -14.93 -23.39 0.09
N ASP A 328 -15.39 -23.20 -1.15
CA ASP A 328 -14.54 -23.37 -2.29
C ASP A 328 -14.80 -22.17 -3.20
N ILE A 329 -13.94 -21.16 -3.09
CA ILE A 329 -14.09 -19.97 -3.92
C ILE A 329 -13.99 -20.24 -5.40
N SER A 330 -13.07 -21.09 -5.84
CA SER A 330 -12.95 -21.40 -7.26
C SER A 330 -14.29 -21.92 -7.79
N GLU A 331 -14.87 -22.88 -7.08
CA GLU A 331 -16.18 -23.42 -7.45
C GLU A 331 -17.30 -22.37 -7.52
N ALA A 332 -17.34 -21.48 -6.53
CA ALA A 332 -18.33 -20.43 -6.42
C ALA A 332 -18.16 -19.42 -7.56
N LEU A 333 -16.92 -19.10 -7.91
CA LEU A 333 -16.69 -18.16 -9.01
C LEU A 333 -17.17 -18.73 -10.33
N LEU A 334 -16.99 -20.03 -10.53
CA LEU A 334 -17.44 -20.71 -11.74
C LEU A 334 -18.98 -20.63 -11.88
N LYS A 335 -19.72 -20.60 -10.77
CA LYS A 335 -21.19 -20.37 -10.83
C LYS A 335 -21.57 -19.02 -11.44
N ILE A 336 -20.75 -18.01 -11.21
CA ILE A 336 -20.99 -16.66 -11.68
C ILE A 336 -20.41 -16.48 -13.08
N VAL A 337 -19.23 -17.05 -13.33
CA VAL A 337 -18.51 -16.87 -14.57
C VAL A 337 -18.31 -18.20 -15.25
N PRO A 338 -19.26 -18.59 -16.11
CA PRO A 338 -19.18 -19.93 -16.67
C PRO A 338 -17.95 -20.23 -17.52
N GLU A 339 -17.33 -19.19 -18.07
CA GLU A 339 -16.16 -19.30 -18.91
C GLU A 339 -14.83 -19.42 -18.12
N PHE A 340 -14.92 -19.37 -16.80
CA PHE A 340 -13.75 -19.53 -15.90
C PHE A 340 -13.20 -20.94 -15.99
N LYS A 341 -11.94 -21.05 -16.38
CA LYS A 341 -11.22 -22.31 -16.43
C LYS A 341 -9.96 -22.23 -15.57
N HIS A 342 -10.13 -22.58 -14.33
CA HIS A 342 -9.09 -22.35 -13.35
C HIS A 342 -7.88 -23.24 -13.60
N ASN A 343 -6.77 -22.60 -13.96
CA ASN A 343 -5.50 -23.26 -14.14
C ASN A 343 -4.89 -23.41 -12.75
N LYS A 344 -5.26 -24.50 -12.08
CA LYS A 344 -4.60 -24.94 -10.84
C LYS A 344 -3.32 -25.69 -11.16
N SER B 5 27.83 8.03 2.22
CA SER B 5 26.45 8.52 1.93
C SER B 5 25.92 9.28 3.13
N ILE B 6 24.81 9.99 2.94
CA ILE B 6 24.17 10.68 4.06
C ILE B 6 23.76 9.66 5.11
N GLU B 7 23.31 8.49 4.67
CA GLU B 7 22.91 7.41 5.58
C GLU B 7 24.06 6.93 6.44
N ASP B 8 25.23 6.76 5.83
CA ASP B 8 26.41 6.33 6.57
C ASP B 8 26.81 7.34 7.63
N LEU B 9 26.75 8.62 7.31
CA LEU B 9 27.19 9.67 8.21
C LEU B 9 26.32 9.71 9.47
N LEU B 10 25.04 9.36 9.30
CA LEU B 10 24.08 9.53 10.39
C LEU B 10 23.75 8.20 11.11
N ALA B 11 24.28 7.08 10.62
CA ALA B 11 24.15 5.78 11.32
C ALA B 11 24.59 5.88 12.75
N ARG B 12 23.92 5.12 13.61
CA ARG B 12 24.20 5.09 15.02
C ARG B 12 25.41 4.27 15.37
N LYS B 13 25.62 3.19 14.62
CA LYS B 13 26.65 2.19 14.86
C LYS B 13 26.68 1.76 16.32
N PRO B 14 25.55 1.23 16.82
CA PRO B 14 25.52 0.82 18.20
C PRO B 14 26.52 -0.27 18.48
N LYS B 15 27.17 -0.15 19.63
CA LYS B 15 28.22 -1.10 19.97
C LYS B 15 27.69 -2.39 20.59
N ASP B 16 26.38 -2.42 20.91
CA ASP B 16 25.77 -3.51 21.62
C ASP B 16 24.79 -4.35 20.80
N LEU B 17 24.98 -4.39 19.50
CA LEU B 17 24.29 -5.40 18.69
C LEU B 17 24.76 -6.79 19.05
N ASP B 18 23.80 -7.70 19.14
CA ASP B 18 24.04 -9.03 19.66
C ASP B 18 23.28 -10.06 18.83
N ASP B 19 23.98 -10.55 17.84
CA ASP B 19 23.37 -11.51 16.92
C ASP B 19 22.94 -12.81 17.61
N SER B 20 23.81 -13.35 18.49
CA SER B 20 23.48 -14.60 19.15
C SER B 20 22.27 -14.51 20.07
N ALA B 21 22.08 -13.36 20.72
CA ALA B 21 20.88 -13.17 21.53
C ALA B 21 19.63 -13.20 20.64
N VAL B 22 19.68 -12.52 19.50
CA VAL B 22 18.48 -12.48 18.64
C VAL B 22 18.20 -13.88 18.07
N ALA B 23 19.25 -14.59 17.70
CA ALA B 23 19.08 -15.96 17.22
C ALA B 23 18.44 -16.83 18.26
N ALA B 24 18.90 -16.69 19.50
CA ALA B 24 18.31 -17.48 20.60
C ALA B 24 16.83 -17.18 20.77
N PHE B 25 16.44 -15.95 20.52
CA PHE B 25 15.03 -15.52 20.61
C PHE B 25 14.19 -16.02 19.42
N LEU B 26 14.77 -16.07 18.22
CA LEU B 26 13.95 -16.35 17.03
C LEU B 26 14.10 -17.74 16.46
N LYS B 27 15.17 -18.43 16.82
CA LYS B 27 15.40 -19.74 16.24
C LYS B 27 14.24 -20.70 16.40
N ASP B 28 13.82 -21.24 15.25
CA ASP B 28 12.72 -22.19 15.10
C ASP B 28 11.35 -21.71 15.56
N LYS B 29 11.16 -20.39 15.65
CA LYS B 29 9.84 -19.87 15.95
C LYS B 29 9.03 -19.68 14.70
N VAL B 30 7.72 -19.78 14.87
CA VAL B 30 6.76 -19.29 13.92
C VAL B 30 6.45 -17.83 14.30
N VAL B 31 6.81 -16.93 13.37
CA VAL B 31 6.70 -15.49 13.64
C VAL B 31 5.81 -14.86 12.58
N LEU B 32 4.88 -14.01 13.02
CA LEU B 32 4.07 -13.24 12.12
C LEU B 32 4.46 -11.77 12.24
N VAL B 33 4.64 -11.15 11.08
CA VAL B 33 4.98 -9.73 11.02
C VAL B 33 3.83 -9.01 10.35
N SER B 34 3.19 -8.04 11.04
CA SER B 34 2.18 -7.21 10.42
C SER B 34 2.87 -6.02 9.82
N GLY B 35 2.37 -5.55 8.67
CA GLY B 35 3.10 -4.54 7.92
C GLY B 35 4.38 -5.02 7.32
N ALA B 36 4.37 -6.30 6.91
CA ALA B 36 5.59 -7.00 6.52
C ALA B 36 6.33 -6.42 5.34
N GLY B 37 5.63 -5.71 4.47
CA GLY B 37 6.25 -5.08 3.33
C GLY B 37 6.72 -3.64 3.52
N GLY B 38 6.54 -3.09 4.71
CA GLY B 38 6.83 -1.68 4.96
C GLY B 38 8.30 -1.45 5.22
N THR B 39 8.72 -0.22 5.47
CA THR B 39 10.15 0.00 5.75
C THR B 39 10.62 -0.84 6.95
N ILE B 40 9.91 -0.76 8.07
CA ILE B 40 10.32 -1.48 9.27
CA ILE B 40 10.33 -1.48 9.26
C ILE B 40 9.96 -2.96 9.17
N GLY B 41 8.74 -3.24 8.71
CA GLY B 41 8.29 -4.60 8.55
C GLY B 41 9.17 -5.45 7.68
N SER B 42 9.63 -4.86 6.57
CA SER B 42 10.47 -5.63 5.65
C SER B 42 11.79 -6.01 6.29
N GLU B 43 12.37 -5.07 7.04
CA GLU B 43 13.61 -5.38 7.76
C GLU B 43 13.36 -6.41 8.87
N LEU B 44 12.26 -6.30 9.61
CA LEU B 44 11.91 -7.35 10.56
C LEU B 44 11.86 -8.71 9.86
N CYS B 45 11.23 -8.76 8.69
CA CYS B 45 11.15 -10.02 7.93
C CYS B 45 12.55 -10.53 7.62
N LYS B 46 13.39 -9.69 7.05
CA LYS B 46 14.75 -10.08 6.72
C LYS B 46 15.51 -10.61 7.94
N GLN B 47 15.33 -9.97 9.09
CA GLN B 47 16.07 -10.37 10.28
C GLN B 47 15.49 -11.64 10.85
N CYS B 48 14.18 -11.85 10.72
CA CYS B 48 13.60 -13.10 11.15
C CYS B 48 14.21 -14.27 10.41
N ILE B 49 14.38 -14.13 9.09
CA ILE B 49 15.08 -15.18 8.29
C ILE B 49 16.54 -15.34 8.73
N LYS B 50 17.24 -14.22 8.82
CA LYS B 50 18.66 -14.22 9.19
C LYS B 50 18.91 -14.94 10.52
N PHE B 51 18.01 -14.74 11.48
CA PHE B 51 18.21 -15.20 12.83
C PHE B 51 17.43 -16.47 13.17
N GLY B 52 16.95 -17.15 12.14
CA GLY B 52 16.61 -18.59 12.27
C GLY B 52 15.14 -18.93 12.45
N ALA B 53 14.24 -17.98 12.27
CA ALA B 53 12.83 -18.32 12.34
C ALA B 53 12.49 -19.49 11.45
N LYS B 54 11.63 -20.39 11.95
CA LYS B 54 11.20 -21.56 11.20
C LYS B 54 10.21 -21.24 10.08
N HIS B 55 9.28 -20.34 10.38
CA HIS B 55 8.22 -19.98 9.47
C HIS B 55 7.85 -18.52 9.72
N LEU B 56 7.94 -17.74 8.64
CA LEU B 56 7.57 -16.32 8.70
C LEU B 56 6.23 -16.11 7.95
N ILE B 57 5.27 -15.53 8.66
CA ILE B 57 3.93 -15.20 8.11
C ILE B 57 3.97 -13.68 7.92
N MET B 58 3.90 -13.26 6.66
CA MET B 58 4.02 -11.83 6.26
C MET B 58 2.62 -11.27 5.99
N VAL B 59 2.10 -10.39 6.84
CA VAL B 59 0.78 -9.81 6.65
C VAL B 59 0.91 -8.35 6.22
N ASP B 60 0.27 -7.98 5.12
CA ASP B 60 0.28 -6.60 4.64
C ASP B 60 -0.94 -6.41 3.73
N HIS B 61 -1.58 -5.27 3.83
CA HIS B 61 -2.71 -4.93 2.96
C HIS B 61 -2.30 -4.30 1.64
N SER B 62 -1.04 -3.93 1.48
CA SER B 62 -0.58 -3.32 0.24
C SER B 62 0.04 -4.40 -0.63
N GLU B 63 -0.58 -4.64 -1.78
CA GLU B 63 -0.15 -5.74 -2.62
C GLU B 63 1.27 -5.57 -3.13
N TYR B 64 1.65 -4.38 -3.62
CA TYR B 64 3.02 -4.18 -4.11
C TYR B 64 4.00 -4.44 -2.95
N ASN B 65 3.71 -3.89 -1.76
CA ASN B 65 4.68 -4.05 -0.68
C ASN B 65 4.83 -5.50 -0.30
N LEU B 66 3.73 -6.26 -0.29
CA LEU B 66 3.79 -7.68 0.04
C LEU B 66 4.56 -8.45 -1.06
N TYR B 67 4.20 -8.16 -2.30
CA TYR B 67 4.88 -8.72 -3.46
C TYR B 67 6.37 -8.53 -3.37
N LYS B 68 6.79 -7.33 -2.96
CA LYS B 68 8.20 -6.97 -2.98
C LYS B 68 8.98 -7.69 -1.89
N ILE B 69 8.49 -7.73 -0.65
CA ILE B 69 9.20 -8.47 0.40
C ILE B 69 9.21 -9.96 0.13
N ASN B 70 8.12 -10.49 -0.38
CA ASN B 70 8.07 -11.93 -0.74
C ASN B 70 9.11 -12.20 -1.85
N ASP B 71 9.21 -11.32 -2.83
CA ASP B 71 10.24 -11.46 -3.89
C ASP B 71 11.66 -11.32 -3.33
N ASP B 72 11.85 -10.31 -2.49
CA ASP B 72 13.16 -10.09 -1.87
C ASP B 72 13.66 -11.36 -1.16
N LEU B 73 12.75 -12.10 -0.56
CA LEU B 73 13.07 -13.30 0.20
C LEU B 73 12.87 -14.59 -0.57
N ASN B 74 12.95 -14.51 -1.91
CA ASN B 74 12.60 -15.68 -2.71
C ASN B 74 13.52 -16.89 -2.48
N LEU B 75 14.76 -16.65 -2.06
CA LEU B 75 15.65 -17.79 -1.71
C LEU B 75 15.15 -18.56 -0.51
N TYR B 76 14.20 -17.98 0.22
CA TYR B 76 13.65 -18.58 1.44
C TYR B 76 12.19 -18.89 1.31
N LYS B 77 11.72 -19.03 0.08
CA LYS B 77 10.29 -19.12 -0.17
C LYS B 77 9.59 -20.25 0.58
N GLU B 78 10.31 -21.35 0.83
CA GLU B 78 9.75 -22.51 1.50
C GLU B 78 9.42 -22.26 2.98
N LYS B 79 9.94 -21.16 3.52
CA LYS B 79 9.79 -20.80 4.93
C LYS B 79 8.93 -19.56 5.13
N ILE B 80 8.36 -19.01 4.07
CA ILE B 80 7.60 -17.76 4.18
C ILE B 80 6.22 -17.90 3.56
N THR B 81 5.25 -17.21 4.12
CA THR B 81 3.88 -17.23 3.64
C THR B 81 3.36 -15.80 3.49
N PRO B 82 3.07 -15.36 2.26
CA PRO B 82 2.56 -14.00 2.04
C PRO B 82 1.05 -13.99 2.20
N ILE B 83 0.60 -13.19 3.16
CA ILE B 83 -0.80 -13.03 3.50
C ILE B 83 -1.26 -11.60 3.20
N LEU B 84 -2.12 -11.50 2.20
CA LEU B 84 -2.61 -10.24 1.67
C LEU B 84 -3.90 -9.93 2.40
N LEU B 85 -3.81 -9.05 3.41
CA LEU B 85 -4.85 -8.90 4.41
C LEU B 85 -4.67 -7.61 5.16
N SER B 86 -5.79 -6.92 5.43
CA SER B 86 -5.79 -5.88 6.44
C SER B 86 -5.99 -6.45 7.83
N ILE B 87 -5.26 -5.95 8.82
CA ILE B 87 -5.45 -6.41 10.18
C ILE B 87 -6.79 -5.93 10.76
N LEU B 88 -7.54 -5.09 10.05
CA LEU B 88 -8.91 -4.75 10.46
C LEU B 88 -9.89 -5.88 10.21
N ASP B 89 -9.54 -6.85 9.36
CA ASP B 89 -10.50 -7.92 9.03
C ASP B 89 -10.34 -9.01 10.06
N LYS B 90 -11.07 -8.89 11.17
CA LYS B 90 -10.94 -9.79 12.30
C LYS B 90 -11.18 -11.25 11.93
N GLN B 91 -12.23 -11.50 11.15
CA GLN B 91 -12.53 -12.90 10.85
C GLN B 91 -11.43 -13.59 10.10
N SER B 92 -10.86 -12.91 9.10
CA SER B 92 -9.80 -13.50 8.30
C SER B 92 -8.49 -13.56 9.10
N LEU B 93 -8.21 -12.50 9.85
CA LEU B 93 -7.04 -12.52 10.72
C LEU B 93 -7.10 -13.67 11.76
N ASP B 94 -8.25 -13.88 12.38
CA ASP B 94 -8.43 -14.97 13.31
C ASP B 94 -8.13 -16.31 12.61
N GLU B 95 -8.61 -16.50 11.38
CA GLU B 95 -8.34 -17.72 10.62
C GLU B 95 -6.87 -17.93 10.37
N VAL B 96 -6.15 -16.84 10.07
CA VAL B 96 -4.71 -16.94 9.89
C VAL B 96 -4.01 -17.37 11.17
N LEU B 97 -4.37 -16.75 12.30
CA LEU B 97 -3.73 -17.08 13.56
C LEU B 97 -4.04 -18.51 13.99
N LYS B 98 -5.29 -18.92 13.81
CA LYS B 98 -5.67 -20.27 14.21
C LYS B 98 -4.97 -21.33 13.37
N THR B 99 -4.68 -20.99 12.11
CA THR B 99 -4.07 -21.90 11.15
C THR B 99 -2.57 -22.03 11.44
N TYR B 100 -1.88 -20.90 11.59
CA TYR B 100 -0.43 -20.93 11.63
C TYR B 100 0.15 -20.87 13.03
N LYS B 101 -0.66 -20.45 14.01
CA LYS B 101 -0.27 -20.43 15.42
C LYS B 101 1.11 -19.83 15.70
N PRO B 102 1.29 -18.57 15.26
CA PRO B 102 2.57 -17.95 15.57
C PRO B 102 2.80 -17.79 17.07
N GLU B 103 4.05 -17.90 17.48
CA GLU B 103 4.43 -17.71 18.88
C GLU B 103 4.87 -16.28 19.15
N LEU B 104 5.16 -15.52 18.10
CA LEU B 104 5.60 -14.14 18.26
C LEU B 104 4.91 -13.34 17.15
N ILE B 105 4.38 -12.17 17.53
CA ILE B 105 3.95 -11.21 16.54
C ILE B 105 4.81 -9.97 16.69
N LEU B 106 5.28 -9.47 15.53
CA LEU B 106 6.00 -8.21 15.47
C LEU B 106 5.08 -7.26 14.69
N HIS B 107 4.60 -6.22 15.36
CA HIS B 107 3.52 -5.41 14.84
C HIS B 107 4.07 -4.08 14.31
N ALA B 108 4.17 -3.99 12.98
CA ALA B 108 4.74 -2.85 12.27
C ALA B 108 3.81 -2.28 11.23
N ALA B 109 2.51 -2.55 11.37
CA ALA B 109 1.48 -2.05 10.43
C ALA B 109 0.83 -0.83 11.05
N ALA B 110 0.86 0.32 10.37
CA ALA B 110 0.25 1.55 10.83
C ALA B 110 0.31 2.57 9.74
N TYR B 111 -0.41 3.66 9.91
CA TYR B 111 -0.21 4.88 9.15
C TYR B 111 0.67 5.79 10.00
N LYS B 112 1.64 6.44 9.37
CA LYS B 112 2.68 7.22 10.07
C LYS B 112 2.87 8.66 9.60
N HIS B 113 2.30 9.05 8.46
CA HIS B 113 2.54 10.42 7.95
C HIS B 113 1.72 11.44 8.70
N VAL B 114 2.42 12.34 9.38
CA VAL B 114 1.71 13.32 10.23
C VAL B 114 0.73 14.16 9.43
N PRO B 115 1.13 14.75 8.27
CA PRO B 115 0.14 15.52 7.52
C PRO B 115 -1.08 14.74 7.05
N LEU B 116 -0.88 13.58 6.46
CA LEU B 116 -2.01 12.78 6.01
C LEU B 116 -2.93 12.39 7.13
N CYS B 117 -2.40 12.13 8.30
CA CYS B 117 -3.21 11.77 9.44
C CYS B 117 -3.91 12.98 10.04
N GLU B 118 -3.33 14.17 9.94
CA GLU B 118 -4.09 15.40 10.29
C GLU B 118 -5.29 15.60 9.36
N GLN B 119 -5.13 15.26 8.08
CA GLN B 119 -6.18 15.40 7.07
C GLN B 119 -7.19 14.26 7.12
N ASN B 120 -6.79 13.11 7.66
CA ASN B 120 -7.63 11.92 7.72
C ASN B 120 -7.64 11.30 9.12
N PRO B 121 -8.11 12.08 10.13
CA PRO B 121 -7.97 11.62 11.48
C PRO B 121 -8.80 10.35 11.79
N HIS B 122 -9.97 10.21 11.17
CA HIS B 122 -10.75 9.01 11.40
C HIS B 122 -10.01 7.76 10.86
N SER B 123 -9.43 7.89 9.68
CA SER B 123 -8.64 6.75 9.16
C SER B 123 -7.42 6.44 10.00
N ALA B 124 -6.76 7.43 10.58
CA ALA B 124 -5.66 7.20 11.48
C ALA B 124 -6.16 6.43 12.73
N VAL B 125 -7.27 6.87 13.31
CA VAL B 125 -7.87 6.14 14.45
C VAL B 125 -8.20 4.67 14.10
N ILE B 126 -8.89 4.48 12.98
CA ILE B 126 -9.31 3.15 12.60
C ILE B 126 -8.10 2.26 12.31
N ASN B 127 -7.21 2.74 11.43
CA ASN B 127 -6.13 1.87 11.04
C ASN B 127 -5.12 1.57 12.18
N ASN B 128 -4.85 2.58 13.01
CA ASN B 128 -3.80 2.48 14.02
C ASN B 128 -4.42 1.89 15.28
N ILE B 129 -5.43 2.57 15.84
CA ILE B 129 -5.98 2.08 17.10
C ILE B 129 -6.84 0.86 16.93
N LEU B 130 -7.84 0.90 16.07
CA LEU B 130 -8.65 -0.30 15.91
C LEU B 130 -7.87 -1.46 15.33
N GLY B 131 -6.98 -1.19 14.37
CA GLY B 131 -6.20 -2.27 13.81
C GLY B 131 -5.36 -2.94 14.88
N THR B 132 -4.73 -2.14 15.74
CA THR B 132 -3.90 -2.67 16.79
C THR B 132 -4.78 -3.45 17.77
N LYS B 133 -5.95 -2.90 18.09
CA LYS B 133 -6.83 -3.64 19.01
C LYS B 133 -7.21 -5.00 18.43
N ILE B 134 -7.64 -5.04 17.18
CA ILE B 134 -8.00 -6.29 16.51
C ILE B 134 -6.87 -7.30 16.50
N LEU B 135 -5.69 -6.84 16.09
CA LEU B 135 -4.55 -7.73 16.07
C LEU B 135 -4.10 -8.24 17.44
N CYS B 136 -4.04 -7.34 18.43
CA CYS B 136 -3.63 -7.69 19.79
C CYS B 136 -4.66 -8.65 20.44
N ASP B 137 -5.92 -8.33 20.25
CA ASP B 137 -6.99 -9.20 20.79
C ASP B 137 -6.92 -10.57 20.17
N SER B 138 -6.77 -10.64 18.84
CA SER B 138 -6.69 -11.93 18.15
C SER B 138 -5.47 -12.69 18.62
N ALA B 139 -4.33 -12.01 18.77
CA ALA B 139 -3.11 -12.62 19.23
C ALA B 139 -3.31 -13.27 20.60
N LYS B 140 -3.89 -12.51 21.52
CA LYS B 140 -4.07 -12.99 22.90
C LYS B 140 -5.06 -14.18 22.90
N GLU B 141 -6.15 -14.05 22.15
CA GLU B 141 -7.12 -15.16 22.06
C GLU B 141 -6.53 -16.43 21.47
N ASN B 142 -5.61 -16.26 20.50
CA ASN B 142 -4.96 -17.39 19.86
C ASN B 142 -3.62 -17.82 20.50
N LYS B 143 -3.41 -17.40 21.75
CA LYS B 143 -2.33 -17.89 22.58
C LYS B 143 -0.97 -17.63 21.96
N VAL B 144 -0.85 -16.50 21.27
CA VAL B 144 0.49 -16.01 20.89
C VAL B 144 1.28 -15.69 22.14
N ALA B 145 2.50 -16.18 22.27
CA ALA B 145 3.26 -16.01 23.52
C ALA B 145 3.77 -14.59 23.76
N LYS B 146 4.17 -13.93 22.68
CA LYS B 146 4.78 -12.64 22.81
C LYS B 146 4.39 -11.73 21.65
N PHE B 147 4.19 -10.45 21.98
CA PHE B 147 3.66 -9.47 21.04
C PHE B 147 4.53 -8.20 21.18
N VAL B 148 5.18 -7.77 20.10
CA VAL B 148 6.07 -6.64 20.17
C VAL B 148 5.58 -5.60 19.21
N MET B 149 5.27 -4.43 19.73
CA MET B 149 4.81 -3.38 18.85
C MET B 149 5.84 -2.30 18.66
N ILE B 150 6.00 -1.90 17.40
CA ILE B 150 6.83 -0.78 17.05
C ILE B 150 6.09 0.49 17.40
N SER B 151 6.79 1.38 18.11
CA SER B 151 6.32 2.68 18.44
C SER B 151 7.37 3.77 18.13
N SER B 152 7.03 4.98 18.46
CA SER B 152 7.69 6.15 17.84
C SER B 152 7.94 7.17 18.93
N ASP B 153 8.97 8.00 18.78
CA ASP B 153 9.12 9.19 19.59
C ASP B 153 7.95 10.15 19.44
N LYS B 154 7.18 10.01 18.37
CA LYS B 154 6.02 10.89 18.13
C LYS B 154 4.90 10.57 19.13
N ALA B 155 5.02 9.41 19.76
CA ALA B 155 4.06 8.99 20.79
C ALA B 155 4.27 9.69 22.12
N VAL B 156 5.42 10.37 22.28
CA VAL B 156 5.81 10.98 23.52
C VAL B 156 5.34 12.44 23.56
N ARG B 157 4.44 12.74 24.49
CA ARG B 157 3.83 14.09 24.59
C ARG B 157 3.41 14.56 23.21
N PRO B 158 2.55 13.76 22.57
CA PRO B 158 2.27 13.99 21.18
C PRO B 158 1.62 15.34 20.85
N THR B 159 1.92 15.85 19.67
CA THR B 159 1.33 17.11 19.17
C THR B 159 0.54 16.91 17.90
N ASN B 160 0.42 15.65 17.45
CA ASN B 160 -0.28 15.33 16.22
C ASN B 160 -1.17 14.09 16.42
N ILE B 161 -2.21 13.99 15.60
CA ILE B 161 -3.11 12.87 15.56
C ILE B 161 -2.33 11.56 15.46
N MET B 162 -1.37 11.50 14.54
CA MET B 162 -0.68 10.24 14.33
C MET B 162 -0.04 9.76 15.63
N GLY B 163 0.82 10.58 16.21
CA GLY B 163 1.54 10.21 17.39
C GLY B 163 0.63 9.91 18.55
N CYS B 164 -0.50 10.62 18.65
CA CYS B 164 -1.48 10.33 19.71
C CYS B 164 -2.12 8.96 19.53
N THR B 165 -2.40 8.60 18.28
CA THR B 165 -2.91 7.27 18.02
C THR B 165 -1.94 6.21 18.44
N LYS B 166 -0.64 6.43 18.18
CA LYS B 166 0.38 5.49 18.60
C LYS B 166 0.46 5.35 20.12
N ARG B 167 0.28 6.47 20.82
CA ARG B 167 0.28 6.44 22.27
C ARG B 167 -0.91 5.61 22.78
N VAL B 168 -2.07 5.75 22.14
CA VAL B 168 -3.23 4.92 22.54
C VAL B 168 -2.92 3.45 22.32
N CYS B 169 -2.24 3.14 21.22
CA CYS B 169 -1.83 1.78 20.94
C CYS B 169 -0.87 1.21 21.98
N GLU B 170 0.02 2.03 22.48
CA GLU B 170 0.87 1.62 23.60
C GLU B 170 0.00 1.28 24.81
N LEU B 171 -0.89 2.21 25.16
CA LEU B 171 -1.69 2.00 26.37
C LEU B 171 -2.50 0.70 26.26
N TYR B 172 -3.06 0.46 25.08
CA TYR B 172 -3.91 -0.73 24.86
C TYR B 172 -3.11 -2.01 24.96
N THR B 173 -2.02 -2.10 24.20
CA THR B 173 -1.27 -3.32 24.14
C THR B 173 -0.64 -3.63 25.50
N LEU B 174 -0.05 -2.62 26.14
CA LEU B 174 0.62 -2.85 27.44
C LEU B 174 -0.42 -3.27 28.48
N SER B 175 -1.64 -2.73 28.36
CA SER B 175 -2.70 -3.07 29.32
C SER B 175 -3.22 -4.47 29.12
N MET B 176 -2.99 -5.04 27.94
CA MET B 176 -3.36 -6.42 27.61
C MET B 176 -2.34 -7.45 28.07
N SER B 177 -1.12 -7.04 28.45
CA SER B 177 -0.03 -7.93 28.81
C SER B 177 -0.41 -8.66 30.11
N ASP B 178 -0.14 -9.95 30.13
CA ASP B 178 -0.31 -10.69 31.40
C ASP B 178 0.63 -11.84 31.49
N GLU B 179 0.40 -12.74 32.44
CA GLU B 179 1.35 -13.82 32.64
C GLU B 179 1.51 -14.73 31.42
N ASN B 180 0.47 -14.85 30.59
CA ASN B 180 0.52 -15.75 29.44
C ASN B 180 0.74 -15.09 28.09
N PHE B 181 0.66 -13.77 28.07
CA PHE B 181 0.66 -13.01 26.80
C PHE B 181 1.56 -11.81 27.08
N GLU B 182 2.82 -11.90 26.66
CA GLU B 182 3.82 -10.91 27.02
C GLU B 182 3.94 -9.85 25.95
N VAL B 183 3.67 -8.62 26.32
CA VAL B 183 3.69 -7.50 25.40
C VAL B 183 4.88 -6.61 25.68
N ALA B 184 5.56 -6.18 24.61
CA ALA B 184 6.50 -5.10 24.72
C ALA B 184 6.29 -4.10 23.61
N CYS B 185 6.51 -2.83 23.93
CA CYS B 185 6.47 -1.73 22.96
C CYS B 185 7.90 -1.20 22.91
N VAL B 186 8.36 -0.82 21.73
CA VAL B 186 9.69 -0.25 21.59
C VAL B 186 9.59 1.04 20.81
N ARG B 187 9.96 2.15 21.48
CA ARG B 187 10.01 3.47 20.87
C ARG B 187 11.38 3.78 20.29
N PHE B 188 11.40 4.33 19.09
CA PHE B 188 12.66 4.85 18.50
C PHE B 188 12.28 5.99 17.57
N GLY B 189 13.28 6.75 17.16
CA GLY B 189 13.07 7.88 16.24
C GLY B 189 13.24 7.54 14.78
N ASN B 190 13.50 8.57 13.96
CA ASN B 190 13.49 8.38 12.55
C ASN B 190 14.45 7.36 12.02
N VAL B 191 13.98 6.55 11.05
CA VAL B 191 14.77 5.60 10.34
C VAL B 191 15.28 6.23 9.04
N LEU B 192 16.59 6.23 8.85
CA LEU B 192 17.19 6.90 7.70
C LEU B 192 16.62 6.33 6.40
N GLY B 193 16.11 7.19 5.54
CA GLY B 193 15.61 6.75 4.24
C GLY B 193 14.35 5.92 4.17
N SER B 194 13.52 6.02 5.18
CA SER B 194 12.27 5.27 5.20
C SER B 194 11.27 5.77 4.17
N SER B 195 10.23 4.96 3.94
CA SER B 195 9.27 5.27 2.89
C SER B 195 8.70 6.68 3.07
N GLY B 196 8.76 7.47 2.04
CA GLY B 196 8.11 8.78 2.07
C GLY B 196 8.74 9.81 2.99
N SER B 197 10.04 9.62 3.26
CA SER B 197 10.73 10.47 4.23
C SER B 197 11.63 11.55 3.60
N VAL B 198 12.30 12.31 4.44
CA VAL B 198 12.99 13.50 3.98
C VAL B 198 14.15 13.21 3.05
N ILE B 199 14.89 12.12 3.30
CA ILE B 199 16.06 11.84 2.48
C ILE B 199 15.62 11.52 1.04
N PRO B 200 14.63 10.62 0.84
CA PRO B 200 14.19 10.45 -0.55
C PRO B 200 13.61 11.70 -1.19
N LYS B 201 12.97 12.54 -0.39
CA LYS B 201 12.39 13.77 -0.97
C LYS B 201 13.52 14.67 -1.47
N PHE B 202 14.50 14.85 -0.63
CA PHE B 202 15.62 15.73 -1.02
C PHE B 202 16.36 15.15 -2.22
N LYS B 203 16.53 13.82 -2.26
CA LYS B 203 17.19 13.19 -3.41
C LYS B 203 16.42 13.50 -4.69
N ALA B 204 15.10 13.36 -4.64
CA ALA B 204 14.28 13.65 -5.80
C ALA B 204 14.26 15.11 -6.23
N GLN B 205 14.32 16.02 -5.27
CA GLN B 205 14.40 17.44 -5.60
C GLN B 205 15.72 17.75 -6.30
N ILE B 206 16.81 17.25 -5.74
CA ILE B 206 18.12 17.47 -6.36
C ILE B 206 18.13 16.88 -7.79
N ALA B 207 17.57 15.68 -7.95
CA ALA B 207 17.57 15.00 -9.26
C ALA B 207 16.78 15.76 -10.31
N ASN B 208 15.77 16.51 -9.86
CA ASN B 208 14.90 17.29 -10.74
C ASN B 208 15.21 18.79 -10.75
N ASN B 209 16.41 19.12 -10.28
CA ASN B 209 16.91 20.50 -10.26
C ASN B 209 16.06 21.50 -9.50
N GLU B 210 15.52 21.05 -8.37
CA GLU B 210 14.56 21.81 -7.60
C GLU B 210 15.22 22.27 -6.31
N PRO B 211 14.84 23.45 -5.78
CA PRO B 211 15.28 23.82 -4.44
C PRO B 211 14.82 22.79 -3.40
N LEU B 212 15.65 22.56 -2.41
CA LEU B 212 15.21 21.73 -1.27
C LEU B 212 14.22 22.50 -0.42
N THR B 213 13.21 21.79 0.06
CA THR B 213 12.18 22.40 0.83
C THR B 213 12.38 21.98 2.27
N LEU B 214 12.80 22.94 3.08
CA LEU B 214 13.08 22.74 4.50
C LEU B 214 11.98 23.39 5.35
N THR B 215 11.43 22.64 6.29
CA THR B 215 10.31 23.08 7.09
CA THR B 215 10.27 23.16 7.02
C THR B 215 10.63 24.34 7.93
N HIS B 216 11.78 24.30 8.59
CA HIS B 216 12.14 25.28 9.59
C HIS B 216 13.64 25.18 9.80
N PRO B 217 14.36 26.31 9.84
CA PRO B 217 15.82 26.24 9.95
C PRO B 217 16.36 25.54 11.20
N ASP B 218 15.57 25.48 12.27
CA ASP B 218 16.06 24.92 13.52
C ASP B 218 15.59 23.48 13.75
N ILE B 219 14.83 22.91 12.82
CA ILE B 219 14.19 21.62 13.13
C ILE B 219 15.20 20.48 13.28
N VAL B 220 14.93 19.55 14.22
CA VAL B 220 15.86 18.47 14.44
C VAL B 220 15.09 17.15 14.56
N ARG B 221 15.76 16.09 14.14
CA ARG B 221 15.30 14.73 14.38
C ARG B 221 16.44 13.85 14.83
N TYR B 222 16.07 12.73 15.46
CA TYR B 222 17.02 11.71 15.78
C TYR B 222 16.93 10.62 14.72
N PHE B 223 18.06 10.01 14.38
CA PHE B 223 18.11 9.03 13.28
C PHE B 223 18.88 7.75 13.60
N MET B 224 18.44 6.64 12.97
CA MET B 224 19.12 5.35 13.04
C MET B 224 18.92 4.67 11.68
N LEU B 225 19.85 3.80 11.32
CA LEU B 225 19.65 2.91 10.19
C LEU B 225 18.59 1.91 10.50
N VAL B 226 17.81 1.52 9.51
CA VAL B 226 16.74 0.53 9.75
C VAL B 226 17.25 -0.79 10.34
N ALA B 227 18.42 -1.27 9.90
CA ALA B 227 18.95 -2.54 10.44
C ALA B 227 19.33 -2.41 11.89
N GLU B 228 19.79 -1.23 12.29
CA GLU B 228 20.16 -0.96 13.69
C GLU B 228 18.93 -0.95 14.56
N ALA B 229 17.91 -0.20 14.16
CA ALA B 229 16.69 -0.02 14.95
C ALA B 229 15.99 -1.38 15.09
N VAL B 230 15.94 -2.11 13.99
CA VAL B 230 15.24 -3.39 14.02
C VAL B 230 15.94 -4.42 14.88
N GLN B 231 17.26 -4.51 14.73
CA GLN B 231 17.97 -5.45 15.58
C GLN B 231 17.81 -5.12 17.08
N LEU B 232 17.87 -3.84 17.42
CA LEU B 232 17.63 -3.45 18.80
C LEU B 232 16.21 -3.74 19.27
N VAL B 233 15.22 -3.54 18.38
CA VAL B 233 13.82 -3.95 18.70
C VAL B 233 13.78 -5.42 19.10
N LEU B 234 14.46 -6.24 18.32
CA LEU B 234 14.46 -7.69 18.52
C LEU B 234 15.20 -8.08 19.79
N GLN B 235 16.29 -7.37 20.12
CA GLN B 235 16.98 -7.57 21.41
C GLN B 235 16.10 -7.21 22.56
N ALA B 236 15.36 -6.12 22.43
CA ALA B 236 14.42 -5.74 23.47
C ALA B 236 13.33 -6.78 23.63
N GLY B 237 12.77 -7.23 22.51
CA GLY B 237 11.77 -8.28 22.55
C GLY B 237 12.27 -9.52 23.24
N ALA B 238 13.53 -9.85 23.01
CA ALA B 238 14.10 -11.08 23.55
C ALA B 238 14.16 -11.00 25.07
N ILE B 239 14.47 -9.83 25.62
CA ILE B 239 14.62 -9.70 27.06
C ILE B 239 13.35 -9.37 27.79
N ALA B 240 12.29 -9.04 27.07
CA ALA B 240 11.05 -8.62 27.66
C ALA B 240 10.45 -9.74 28.48
N LYS B 241 9.93 -9.35 29.63
CA LYS B 241 9.15 -10.31 30.42
C LYS B 241 7.66 -10.07 30.29
N GLY B 242 7.30 -9.00 29.58
CA GLY B 242 5.93 -8.55 29.49
C GLY B 242 5.65 -7.29 30.28
N GLY B 243 5.00 -6.36 29.60
CA GLY B 243 4.60 -5.11 30.12
C GLY B 243 5.60 -4.00 29.93
N GLU B 244 6.68 -4.24 29.18
CA GLU B 244 7.73 -3.26 29.14
C GLU B 244 7.49 -2.29 28.01
N LEU B 245 7.74 -1.02 28.29
CA LEU B 245 7.87 0.03 27.30
C LEU B 245 9.36 0.33 27.18
N PHE B 246 9.98 -0.07 26.07
CA PHE B 246 11.38 0.15 25.87
C PHE B 246 11.59 1.41 25.03
N VAL B 247 12.76 2.03 25.26
CA VAL B 247 13.19 3.15 24.43
C VAL B 247 14.63 2.95 24.00
N LEU B 248 14.91 3.32 22.77
CA LEU B 248 16.27 3.22 22.20
C LEU B 248 17.05 4.51 22.33
N ASP B 249 18.35 4.35 22.55
CA ASP B 249 19.28 5.47 22.48
C ASP B 249 19.64 5.76 21.02
N MET B 250 19.19 6.93 20.57
CA MET B 250 19.31 7.32 19.22
C MET B 250 20.59 8.10 18.91
N GLY B 251 21.37 8.38 19.95
CA GLY B 251 22.55 9.21 19.76
C GLY B 251 22.22 10.69 19.63
N LYS B 252 23.04 11.39 18.86
CA LYS B 252 22.90 12.82 18.80
C LYS B 252 21.80 13.27 17.84
N PRO B 253 21.08 14.33 18.20
CA PRO B 253 20.14 14.98 17.32
C PRO B 253 20.79 15.47 16.00
N VAL B 254 20.06 15.50 14.90
CA VAL B 254 20.55 15.99 13.60
C VAL B 254 19.67 17.15 13.19
N LYS B 255 20.29 18.31 12.93
CA LYS B 255 19.51 19.41 12.38
C LYS B 255 19.22 19.14 10.92
N ILE B 256 17.96 19.25 10.52
CA ILE B 256 17.59 18.91 9.15
C ILE B 256 18.26 19.87 8.15
N ILE B 257 18.51 21.12 8.57
CA ILE B 257 19.26 22.03 7.67
C ILE B 257 20.67 21.50 7.36
N ASP B 258 21.32 20.88 8.34
CA ASP B 258 22.64 20.29 8.13
C ASP B 258 22.57 19.06 7.25
N LEU B 259 21.49 18.29 7.39
CA LEU B 259 21.25 17.17 6.53
C LEU B 259 21.11 17.65 5.07
N ALA B 260 20.29 18.67 4.87
CA ALA B 260 20.01 19.25 3.56
C ALA B 260 21.34 19.76 2.97
N LYS B 261 22.10 20.48 3.79
CA LYS B 261 23.34 21.04 3.26
C LYS B 261 24.36 19.95 2.89
N LYS B 262 24.44 18.91 3.70
CA LYS B 262 25.34 17.80 3.41
C LYS B 262 24.91 17.01 2.16
N MET B 263 23.61 16.88 1.92
CA MET B 263 23.14 16.22 0.73
C MET B 263 23.49 17.08 -0.52
N LEU B 264 23.42 18.40 -0.41
CA LEU B 264 23.79 19.27 -1.54
C LEU B 264 25.30 19.19 -1.79
N LEU B 265 26.05 19.22 -0.70
CA LEU B 265 27.51 19.08 -0.79
C LEU B 265 27.90 17.74 -1.40
N LEU B 266 27.30 16.66 -0.92
CA LEU B 266 27.58 15.32 -1.43
C LEU B 266 27.20 15.11 -2.89
N SER B 267 26.17 15.82 -3.36
CA SER B 267 25.72 15.76 -4.75
C SER B 267 26.40 16.80 -5.65
N ASN B 268 27.31 17.59 -5.10
CA ASN B 268 27.91 18.73 -5.83
C ASN B 268 26.87 19.59 -6.53
N ARG B 269 25.79 19.87 -5.80
CA ARG B 269 24.77 20.82 -6.25
C ARG B 269 24.56 21.91 -5.20
N ASN B 270 25.65 22.56 -4.79
CA ASN B 270 25.54 23.81 -4.07
C ASN B 270 24.87 24.95 -4.85
N ASP B 271 24.71 24.78 -6.16
CA ASP B 271 23.90 25.71 -6.97
C ASP B 271 22.42 25.79 -6.55
N LEU B 272 21.93 24.78 -5.83
CA LEU B 272 20.51 24.72 -5.49
C LEU B 272 20.25 25.46 -4.18
N GLU B 273 19.09 26.11 -4.10
CA GLU B 273 18.70 26.87 -2.92
C GLU B 273 18.00 25.92 -1.94
N ILE B 274 18.02 26.30 -0.67
CA ILE B 274 17.21 25.70 0.38
C ILE B 274 16.13 26.73 0.73
N LYS B 275 14.87 26.39 0.44
CA LYS B 275 13.72 27.28 0.65
C LYS B 275 13.04 26.83 1.92
N ILE B 276 12.70 27.80 2.78
CA ILE B 276 11.97 27.54 4.02
C ILE B 276 10.47 27.58 3.82
N THR B 277 9.78 26.51 4.16
CA THR B 277 8.35 26.38 3.83
C THR B 277 7.38 26.50 5.01
N GLY B 278 7.88 26.25 6.22
CA GLY B 278 7.13 26.46 7.43
C GLY B 278 6.74 25.18 8.16
N LEU B 279 6.64 25.29 9.47
CA LEU B 279 6.21 24.19 10.34
C LEU B 279 4.77 23.83 10.03
N ARG B 280 4.50 22.54 9.90
CA ARG B 280 3.18 22.07 9.53
C ARG B 280 2.34 21.75 10.73
N LYS B 281 1.04 21.68 10.52
CA LYS B 281 0.13 21.35 11.60
C LYS B 281 0.58 20.03 12.23
N GLY B 282 0.58 20.02 13.55
CA GLY B 282 0.95 18.83 14.30
C GLY B 282 2.44 18.61 14.46
N GLU B 283 3.27 19.37 13.78
CA GLU B 283 4.68 19.07 13.67
C GLU B 283 5.47 19.67 14.83
N LYS B 284 6.42 18.92 15.37
CA LYS B 284 7.36 19.40 16.40
C LYS B 284 8.66 19.89 15.82
N LEU B 285 9.18 21.00 16.35
CA LEU B 285 10.50 21.42 16.02
C LEU B 285 11.60 20.49 16.54
N TYR B 286 11.45 20.01 17.79
CA TYR B 286 12.44 19.08 18.36
C TYR B 286 11.63 17.92 18.91
N GLU B 287 11.83 16.69 18.44
CA GLU B 287 11.11 15.58 18.98
C GLU B 287 11.70 15.35 20.36
N GLU B 288 10.95 14.61 21.16
CA GLU B 288 11.36 14.36 22.54
C GLU B 288 12.55 13.43 22.59
N LEU B 289 13.49 13.71 23.50
CA LEU B 289 14.54 12.75 23.78
C LEU B 289 13.93 11.52 24.47
N LEU B 290 14.27 10.34 23.95
CA LEU B 290 13.57 9.13 24.38
C LEU B 290 13.90 8.58 25.78
N ILE B 291 15.16 8.75 26.18
CA ILE B 291 15.68 8.22 27.44
C ILE B 291 15.51 9.27 28.55
N ASP B 292 14.81 8.91 29.60
CA ASP B 292 14.59 9.76 30.77
C ASP B 292 15.63 9.37 31.82
N GLU B 293 16.04 10.32 32.66
CA GLU B 293 17.08 10.01 33.61
C GLU B 293 16.63 8.98 34.64
N ASN B 294 15.33 8.76 34.78
CA ASN B 294 14.93 7.71 35.71
C ASN B 294 14.55 6.39 35.06
N ASP B 295 14.78 6.25 33.76
CA ASP B 295 14.52 4.98 33.07
C ASP B 295 15.45 3.90 33.56
N ALA B 296 15.02 2.65 33.47
CA ALA B 296 15.90 1.58 33.94
C ALA B 296 16.86 1.16 32.84
N LYS B 297 18.11 0.92 33.21
CA LYS B 297 19.06 0.23 32.33
C LYS B 297 18.67 -1.24 32.07
N THR B 298 19.12 -1.70 30.91
CA THR B 298 19.19 -3.12 30.59
C THR B 298 20.63 -3.53 30.40
N GLN B 299 20.83 -4.80 30.05
CA GLN B 299 22.15 -5.24 29.70
CA GLN B 299 22.13 -5.29 29.66
C GLN B 299 22.69 -4.62 28.40
N TYR B 300 21.84 -3.92 27.62
CA TYR B 300 22.30 -3.30 26.40
C TYR B 300 22.32 -1.79 26.64
N GLU B 301 23.48 -1.17 26.39
CA GLU B 301 23.60 0.27 26.57
C GLU B 301 22.62 1.07 25.71
N SER B 302 22.15 0.47 24.61
CA SER B 302 21.23 1.17 23.72
C SER B 302 19.74 1.05 24.04
N ILE B 303 19.39 0.24 25.04
CA ILE B 303 18.00 -0.06 25.35
C ILE B 303 17.74 0.21 26.82
N PHE B 304 16.71 1.03 27.08
CA PHE B 304 16.26 1.36 28.40
C PHE B 304 14.77 1.02 28.51
N VAL B 305 14.31 0.90 29.76
CA VAL B 305 12.91 0.64 30.06
C VAL B 305 12.28 1.87 30.72
N ALA B 306 11.25 2.41 30.09
CA ALA B 306 10.53 3.60 30.56
C ALA B 306 9.41 3.17 31.46
N LYS B 307 9.01 4.04 32.37
CA LYS B 307 7.87 3.72 33.24
C LYS B 307 6.58 3.76 32.43
N ASN B 308 5.66 2.84 32.71
CA ASN B 308 4.32 2.91 32.13
C ASN B 308 3.33 2.25 33.10
N GLU B 309 2.16 2.85 33.23
CA GLU B 309 1.13 2.22 34.00
C GLU B 309 0.04 1.70 33.08
N LYS B 310 -0.43 0.49 33.38
CA LYS B 310 -1.65 -0.07 32.78
C LYS B 310 -2.85 0.83 33.05
N VAL B 311 -3.76 0.84 32.09
CA VAL B 311 -5.03 1.49 32.27
C VAL B 311 -6.10 0.44 32.34
N ASP B 312 -7.27 0.84 32.85
CA ASP B 312 -8.43 -0.01 32.85
C ASP B 312 -8.94 -0.30 31.45
N LEU B 313 -8.95 -1.59 31.09
CA LEU B 313 -9.36 -1.99 29.76
C LEU B 313 -10.83 -1.81 29.51
N ASP B 314 -11.69 -1.95 30.53
CA ASP B 314 -13.08 -1.64 30.27
C ASP B 314 -13.27 -0.18 29.85
N TRP B 315 -12.62 0.75 30.55
CA TRP B 315 -12.71 2.16 30.21
C TRP B 315 -12.14 2.40 28.79
N LEU B 316 -10.97 1.83 28.54
CA LEU B 316 -10.28 2.13 27.29
C LEU B 316 -11.06 1.54 26.12
N ASN B 317 -11.60 0.33 26.26
CA ASN B 317 -12.46 -0.19 25.22
C ASN B 317 -13.67 0.70 24.93
N LYS B 318 -14.29 1.24 25.98
CA LYS B 318 -15.36 2.20 25.73
C LYS B 318 -14.92 3.43 25.00
N GLU B 319 -13.75 3.93 25.38
CA GLU B 319 -13.21 5.10 24.69
C GLU B 319 -12.92 4.77 23.24
N ILE B 320 -12.42 3.58 22.99
CA ILE B 320 -12.12 3.18 21.60
C ILE B 320 -13.40 3.03 20.78
N GLU B 321 -14.47 2.45 21.38
CA GLU B 321 -15.80 2.48 20.69
C GLU B 321 -16.27 3.88 20.32
N ASN B 322 -16.07 4.85 21.21
CA ASN B 322 -16.47 6.21 20.94
C ASN B 322 -15.62 6.85 19.85
N LEU B 323 -14.31 6.57 19.86
CA LEU B 323 -13.46 7.16 18.85
C LEU B 323 -13.91 6.82 17.46
N GLN B 324 -14.52 5.66 17.28
CA GLN B 324 -14.94 5.19 15.96
C GLN B 324 -16.11 5.95 15.39
N ILE B 325 -16.91 6.56 16.27
CA ILE B 325 -18.09 7.26 15.82
C ILE B 325 -18.11 8.76 16.08
N CYS B 326 -17.18 9.28 16.88
CA CYS B 326 -17.28 10.66 17.36
C CYS B 326 -16.88 11.65 16.25
N GLU B 327 -17.36 12.88 16.37
CA GLU B 327 -17.02 13.93 15.41
C GLU B 327 -15.81 14.74 15.89
N ASP B 328 -15.49 14.63 17.18
CA ASP B 328 -14.46 15.44 17.80
C ASP B 328 -13.24 14.58 18.13
N ILE B 329 -12.53 14.06 17.12
CA ILE B 329 -11.45 13.10 17.40
C ILE B 329 -10.30 13.68 18.23
N SER B 330 -9.83 14.89 17.91
CA SER B 330 -8.77 15.54 18.70
C SER B 330 -9.15 15.63 20.19
N GLU B 331 -10.37 16.11 20.44
CA GLU B 331 -10.82 16.25 21.81
C GLU B 331 -10.94 14.91 22.52
N ALA B 332 -11.44 13.91 21.80
CA ALA B 332 -11.64 12.58 22.31
C ALA B 332 -10.30 11.92 22.66
N LEU B 333 -9.31 12.09 21.78
CA LEU B 333 -7.98 11.58 22.08
C LEU B 333 -7.36 12.19 23.32
N LEU B 334 -7.63 13.48 23.53
CA LEU B 334 -7.12 14.19 24.72
C LEU B 334 -7.66 13.61 26.03
N LYS B 335 -8.90 13.14 25.99
CA LYS B 335 -9.45 12.42 27.15
C LYS B 335 -8.74 11.10 27.46
N ILE B 336 -8.17 10.44 26.46
CA ILE B 336 -7.48 9.19 26.65
C ILE B 336 -6.01 9.42 27.01
N VAL B 337 -5.42 10.45 26.37
CA VAL B 337 -4.00 10.76 26.49
C VAL B 337 -3.86 12.19 26.99
N PRO B 338 -3.84 12.34 28.32
CA PRO B 338 -3.88 13.70 28.85
C PRO B 338 -2.69 14.59 28.50
N GLU B 339 -1.59 13.97 28.07
CA GLU B 339 -0.40 14.70 27.67
C GLU B 339 -0.42 15.17 26.21
N PHE B 340 -1.49 14.88 25.48
CA PHE B 340 -1.64 15.30 24.07
C PHE B 340 -1.87 16.81 24.01
N LYS B 341 -1.01 17.49 23.27
CA LYS B 341 -1.09 18.93 23.04
C LYS B 341 -1.14 19.17 21.54
N HIS B 342 -2.34 19.08 20.99
CA HIS B 342 -2.49 19.10 19.54
C HIS B 342 -2.04 20.44 18.93
N ASN B 343 -1.05 20.42 18.04
CA ASN B 343 -0.56 21.62 17.36
C ASN B 343 -1.49 21.87 16.18
N1 UDP C . 7.59 -12.70 -16.43
C2 UDP C . 8.78 -13.40 -16.55
N3 UDP C . 9.64 -13.32 -15.52
C4 UDP C . 9.33 -12.65 -14.39
C5 UDP C . 8.10 -12.00 -14.24
C6 UDP C . 7.23 -12.04 -15.31
O2 UDP C . 9.10 -13.96 -17.62
O4 UDP C . 10.16 -12.64 -13.45
C1' UDP C . 6.66 -12.77 -17.57
C2' UDP C . 5.29 -13.21 -17.14
O2' UDP C . 5.23 -14.64 -17.21
C3' UDP C . 4.39 -12.53 -18.16
C4' UDP C . 5.15 -11.26 -18.46
O4' UDP C . 6.54 -11.49 -18.14
O3' UDP C . 4.42 -13.31 -19.38
C5' UDP C . 4.63 -10.05 -17.69
O5' UDP C . 4.53 -10.45 -16.31
PA UDP C . 4.01 -9.25 -15.33
O1A UDP C . 4.26 -9.76 -13.89
O2A UDP C . 4.85 -8.11 -15.77
O3A UDP C . 2.46 -9.09 -15.46
PB UDP C . 1.14 -9.98 -15.72
O1B UDP C . 1.12 -11.21 -14.86
O2B UDP C . 1.16 -10.30 -17.27
O3B UDP C . 0.04 -9.03 -15.34
PA NAD D . -1.48 -0.96 -8.32
O1A NAD D . -1.45 -1.92 -7.19
O2A NAD D . -0.21 -0.23 -8.68
O5B NAD D . -2.59 0.14 -8.02
C5B NAD D . -3.79 -0.13 -7.33
C4B NAD D . -3.96 0.96 -6.27
O4B NAD D . -5.23 0.69 -5.64
C3B NAD D . -2.84 0.94 -5.21
O3B NAD D . -2.33 2.26 -4.97
C2B NAD D . -3.61 0.40 -4.01
O2B NAD D . -3.02 0.78 -2.78
C1B NAD D . -5.05 0.82 -4.23
N9A NAD D . -6.02 -0.05 -3.56
C8A NAD D . -6.09 -1.39 -3.70
N7A NAD D . -7.17 -1.83 -2.99
C5A NAD D . -7.76 -0.77 -2.40
C6A NAD D . -8.87 -0.51 -1.48
N6A NAD D . -9.59 -1.52 -1.01
N1A NAD D . -9.18 0.76 -1.20
C2A NAD D . -8.45 1.80 -1.62
N3A NAD D . -7.37 1.67 -2.40
C4A NAD D . -7.01 0.41 -2.80
O3 NAD D . -2.03 -1.74 -9.61
PN NAD D . -2.30 -1.13 -11.10
O1N NAD D . -2.52 0.35 -10.97
O2N NAD D . -1.21 -1.65 -12.03
O5D NAD D . -3.63 -1.88 -11.51
C5D NAD D . -4.90 -1.44 -11.02
C4D NAD D . -5.98 -2.11 -11.87
O4D NAD D . -5.71 -1.87 -13.27
C3D NAD D . -6.08 -3.63 -11.62
O3D NAD D . -7.46 -4.08 -11.58
C2D NAD D . -5.41 -4.19 -12.85
O2D NAD D . -5.75 -5.57 -13.16
C1D NAD D . -5.75 -3.15 -13.92
N1N NAD D . -4.79 -3.20 -15.04
C2N NAD D . -3.49 -3.11 -14.78
C3N NAD D . -2.58 -3.23 -15.80
C7N NAD D . -1.13 -3.15 -15.54
O7N NAD D . -0.36 -3.58 -16.41
N7N NAD D . -0.61 -2.62 -14.45
C4N NAD D . -3.03 -3.37 -17.09
C5N NAD D . -4.37 -3.42 -17.34
C6N NAD D . -5.27 -3.35 -16.29
C1 EDO E . 2.81 4.60 -8.66
O1 EDO E . 3.45 4.47 -9.95
C2 EDO E . 2.51 3.27 -8.01
O2 EDO E . 3.66 2.43 -7.89
NA NA F . -4.63 19.64 -1.26
NA NA G . 5.44 7.65 -10.92
PA NAD H . 5.45 1.94 6.10
O1A NAD H . 6.62 1.85 5.12
O2A NAD H . 4.21 2.63 5.60
O5B NAD H . 5.12 0.46 6.55
C5B NAD H . 3.87 0.09 7.14
C4B NAD H . 3.41 -1.15 6.43
O4B NAD H . 2.20 -1.54 7.13
C3B NAD H . 3.06 -0.94 4.97
O3B NAD H . 3.65 -1.94 4.13
C2B NAD H . 1.54 -0.96 4.96
O2B NAD H . 1.02 -1.38 3.70
C1B NAD H . 1.24 -1.84 6.15
N9A NAD H . -0.10 -1.63 6.72
C8A NAD H . -0.54 -0.42 7.13
N7A NAD H . -1.80 -0.59 7.64
C5A NAD H . -2.12 -1.92 7.56
C6A NAD H . -3.27 -2.78 7.81
N6A NAD H . -4.39 -2.26 8.33
N1A NAD H . -3.13 -4.09 7.61
C2A NAD H . -2.04 -4.65 7.08
N3A NAD H . -0.99 -3.93 6.70
C4A NAD H . -1.00 -2.60 6.95
O3 NAD H . 5.90 2.68 7.44
PN NAD H . 7.20 2.37 8.35
O1N NAD H . 8.22 3.46 8.15
O2N NAD H . 7.57 0.96 8.19
O5D NAD H . 6.56 2.60 9.79
C5D NAD H . 5.72 1.62 10.42
C4D NAD H . 5.55 1.94 11.90
O4D NAD H . 6.85 2.15 12.50
C3D NAD H . 4.66 3.19 12.14
O3D NAD H . 3.85 3.08 13.32
C2D NAD H . 5.75 4.18 12.45
O2D NAD H . 5.27 5.34 13.15
C1D NAD H . 6.84 3.39 13.18
N1N NAD H . 8.16 4.04 13.13
C2N NAD H . 8.60 4.45 11.93
C3N NAD H . 9.81 5.13 11.86
C7N NAD H . 10.29 5.61 10.55
O7N NAD H . 9.91 5.14 9.46
N7N NAD H . 11.17 6.58 10.58
C4N NAD H . 10.53 5.37 13.05
C5N NAD H . 10.04 4.92 14.25
C6N NAD H . 8.83 4.24 14.29
N1 UDP I . 11.22 17.79 6.30
C2 UDP I . 11.66 18.89 5.55
N3 UDP I . 11.34 18.97 4.26
C4 UDP I . 10.61 18.01 3.66
C5 UDP I . 10.17 16.90 4.38
C6 UDP I . 10.50 16.80 5.72
O2 UDP I . 12.36 19.77 6.09
O4 UDP I . 10.27 18.12 2.46
C1' UDP I . 11.61 17.70 7.72
C2' UDP I . 10.45 17.40 8.64
O2' UDP I . 9.87 18.64 9.06
C3' UDP I . 11.14 16.68 9.79
C4' UDP I . 12.25 15.91 9.09
O4' UDP I . 12.49 16.60 7.81
O3' UDP I . 11.76 17.63 10.66
C5' UDP I . 11.94 14.46 8.79
O5' UDP I . 10.68 14.45 8.11
PA UDP I . 10.18 12.98 7.64
O1A UDP I . 11.30 12.21 7.13
O2A UDP I . 8.99 13.23 6.74
O3A UDP I . 9.71 12.27 8.96
PB UDP I . 8.89 12.67 10.31
O1B UDP I . 9.90 13.25 11.28
O2B UDP I . 7.76 13.57 9.93
O3B UDP I . 8.40 11.32 10.75
C1 EDO J . 9.82 -1.27 1.82
O1 EDO J . 11.08 -0.60 2.03
C2 EDO J . 8.69 -0.30 1.69
O2 EDO J . 8.92 0.71 0.66
C1 EDO K . 9.69 -4.58 -8.18
C1 EDO K . 10.69 -5.02 -8.78
O1 EDO K . 9.98 -3.17 -8.04
O1 EDO K . 9.80 -4.08 -8.15
C2 EDO K . 10.86 -5.41 -8.74
C2 EDO K . 11.11 -6.15 -7.84
O2 EDO K . 11.09 -6.61 -7.96
O2 EDO K . 12.55 -6.29 -7.80
C1 EDO L . 7.49 10.36 7.37
C1 EDO L . 6.92 10.14 7.67
O1 EDO L . 6.22 9.77 7.64
O1 EDO L . 6.68 11.33 6.93
C2 EDO L . 8.50 9.30 6.97
C2 EDO L . 8.13 9.42 7.07
O2 EDO L . 8.61 8.29 7.98
O2 EDO L . 8.57 8.34 7.89
NA NA M . 26.42 -12.60 21.17
NA NA N . 14.13 -2.54 0.37
#